data_7VST
#
_entry.id   7VST
#
_cell.length_a   155.692
_cell.length_b   155.724
_cell.length_c   177.427
_cell.angle_alpha   90.000
_cell.angle_beta   90.000
_cell.angle_gamma   90.000
#
_symmetry.space_group_name_H-M   'C 2 2 21'
#
_entity_poly.entity_id   1
_entity_poly.type   'polypeptide(L)'
_entity_poly.pdbx_seq_one_letter_code
;MGIQVIATTPFKDQKPGTSGLRKPVPVFQQPHYLENFIQAIFDTIEAPQGQTLVLGGDGRYFNAEAIQVILKMAAAKGFA
RVKVGQNGILSTPAASCVIRKYGAVGGIILSASHNPAGPQGDFGVKFNIANGGPAPEKVTNAIYERSLALTHYSIYTAPD
VNLHTLGEFPLGEMIVEVIDPVADYQALLETLFDFDRIAEVIRTGKLRLVFDAMHAVTGPYAQQILEKCLGAPPGTVQNG
VPLPDFGGGHPDPNLVYAHDLVQQLFGEQPPDFGAASDGDGDRNMILGANCFVTPSDSLAILAANAQLVPGYRDGLAGIA
RSMPTSQAADRVAAKLGIDCYETPTGWKFFGNLLDAGKVTLCGEESFGTGSNHVREKDGLWAVLFWLNILAVRQTPVAEI
VKDHWRTYGRNYYSRHDYEGIEGDRAHTLMSQLEQKLPSLVGQTLGAYTVATADNFSYSDPVDHSVSQNQGIRLIFEDGS
RIVYRLSGTGTQGATLRVYLERFEPHPSQQHLDAQVALADLIQLANDVANIQSLTGRDRPTVIT
;
_entity_poly.pdbx_strand_id   A,B
#
# COMPACT_ATOMS: atom_id res chain seq x y z
N MET A 1 -6.07 29.95 17.80
CA MET A 1 -5.11 30.49 18.76
C MET A 1 -3.98 31.28 18.11
N GLY A 2 -3.86 31.29 16.78
CA GLY A 2 -3.17 32.34 16.07
C GLY A 2 -2.04 31.87 15.18
N ILE A 3 -1.34 32.85 14.62
CA ILE A 3 -0.18 32.63 13.77
C ILE A 3 1.00 32.20 14.63
N GLN A 4 1.79 31.24 14.15
CA GLN A 4 2.96 30.73 14.87
C GLN A 4 4.10 30.47 13.91
N VAL A 5 5.31 30.72 14.39
CA VAL A 5 6.52 30.31 13.71
C VAL A 5 6.91 28.94 14.23
N ILE A 6 7.24 28.03 13.32
CA ILE A 6 7.63 26.69 13.74
C ILE A 6 8.97 26.35 13.12
N ALA A 7 9.95 26.02 13.97
CA ALA A 7 11.30 25.73 13.50
C ALA A 7 11.32 24.44 12.71
N THR A 8 12.18 24.41 11.70
CA THR A 8 12.25 23.26 10.81
C THR A 8 13.70 23.11 10.36
N THR A 9 13.99 21.97 9.76
CA THR A 9 15.28 21.78 9.13
C THR A 9 15.07 21.24 7.73
N PRO A 10 15.93 21.61 6.78
CA PRO A 10 15.67 21.27 5.39
C PRO A 10 15.68 19.77 5.16
N PHE A 11 14.88 19.33 4.19
CA PHE A 11 15.03 18.04 3.54
C PHE A 11 15.83 18.22 2.25
N LYS A 12 16.15 17.10 1.61
CA LYS A 12 17.19 17.11 0.58
C LYS A 12 16.68 17.00 -0.84
N ASP A 13 15.52 16.38 -1.08
CA ASP A 13 15.10 16.11 -2.44
C ASP A 13 13.74 16.70 -2.75
N GLN A 14 13.46 17.88 -2.22
CA GLN A 14 12.20 18.57 -2.52
C GLN A 14 12.33 19.38 -3.81
N LYS A 15 12.90 18.73 -4.82
CA LYS A 15 13.09 19.31 -6.15
C LYS A 15 11.91 18.92 -7.02
N PRO A 16 10.99 19.84 -7.34
CA PRO A 16 9.76 19.45 -8.06
C PRO A 16 9.99 18.82 -9.42
N GLY A 17 10.31 19.64 -10.42
CA GLY A 17 10.35 19.12 -11.78
C GLY A 17 9.09 19.37 -12.59
N THR A 18 8.71 18.39 -13.41
CA THR A 18 7.72 18.66 -14.45
C THR A 18 6.30 18.70 -13.91
N SER A 19 5.99 17.84 -12.94
CA SER A 19 4.62 17.73 -12.42
C SER A 19 4.51 18.11 -10.96
N GLY A 20 5.56 18.70 -10.42
CA GLY A 20 5.56 18.98 -8.98
C GLY A 20 6.32 17.91 -8.21
N LEU A 21 6.30 18.01 -6.89
CA LEU A 21 7.01 17.04 -6.04
C LEU A 21 6.21 15.74 -5.97
N ARG A 22 6.80 14.64 -6.42
CA ARG A 22 6.12 13.33 -6.34
C ARG A 22 7.00 12.37 -5.52
N LYS A 23 6.53 11.97 -4.34
CA LYS A 23 7.26 11.09 -3.43
C LYS A 23 6.26 10.09 -2.85
N PRO A 24 6.73 8.95 -2.36
CA PRO A 24 5.84 8.02 -1.66
C PRO A 24 5.11 8.71 -0.51
N VAL A 25 3.90 8.22 -0.23
CA VAL A 25 3.08 8.85 0.80
C VAL A 25 3.81 8.95 2.14
N PRO A 26 4.49 7.91 2.63
CA PRO A 26 5.26 8.08 3.87
C PRO A 26 6.32 9.16 3.82
N VAL A 27 6.87 9.48 2.64
CA VAL A 27 7.89 10.51 2.57
C VAL A 27 7.27 11.88 2.81
N PHE A 28 6.10 12.13 2.23
CA PHE A 28 5.38 13.37 2.46
C PHE A 28 4.83 13.47 3.88
N GLN A 29 4.69 12.33 4.57
CA GLN A 29 4.15 12.35 5.92
C GLN A 29 5.22 12.62 6.97
N GLN A 30 6.49 12.63 6.60
CA GLN A 30 7.54 12.99 7.55
C GLN A 30 7.19 14.31 8.22
N PRO A 31 7.49 14.47 9.50
CA PRO A 31 7.11 15.72 10.19
C PRO A 31 7.77 16.92 9.53
N HIS A 32 6.94 17.90 9.17
CA HIS A 32 7.30 19.17 8.55
C HIS A 32 7.60 19.03 7.07
N TYR A 33 7.52 17.84 6.48
CA TYR A 33 7.86 17.69 5.07
C TYR A 33 6.93 18.53 4.20
N LEU A 34 5.62 18.33 4.35
CA LEU A 34 4.68 19.10 3.56
C LEU A 34 4.81 20.59 3.83
N GLU A 35 4.90 20.97 5.12
CA GLU A 35 4.99 22.37 5.49
C GLU A 35 6.23 23.05 4.89
N ASN A 36 7.36 22.35 4.89
CA ASN A 36 8.57 22.87 4.25
C ASN A 36 8.29 23.23 2.79
N PHE A 37 7.72 22.29 2.03
CA PHE A 37 7.53 22.53 0.60
C PHE A 37 6.49 23.62 0.36
N ILE A 38 5.40 23.61 1.12
CA ILE A 38 4.37 24.63 0.94
C ILE A 38 4.90 26.01 1.32
N GLN A 39 5.72 26.08 2.37
CA GLN A 39 6.37 27.34 2.72
C GLN A 39 7.27 27.83 1.58
N ALA A 40 8.01 26.92 0.96
CA ALA A 40 8.89 27.29 -0.14
C ALA A 40 8.12 27.85 -1.32
N ILE A 41 6.93 27.30 -1.59
CA ILE A 41 6.06 27.81 -2.64
C ILE A 41 5.61 29.23 -2.30
N PHE A 42 5.04 29.41 -1.10
CA PHE A 42 4.51 30.71 -0.72
C PHE A 42 5.58 31.79 -0.68
N ASP A 43 6.84 31.43 -0.44
CA ASP A 43 7.90 32.44 -0.39
C ASP A 43 8.22 33.02 -1.75
N THR A 44 7.68 32.44 -2.84
CA THR A 44 7.82 33.03 -4.16
C THR A 44 6.74 34.07 -4.49
N ILE A 45 5.56 33.97 -3.86
CA ILE A 45 4.53 35.02 -3.97
C ILE A 45 4.94 36.20 -3.08
N GLU A 46 5.12 37.38 -3.69
CA GLU A 46 5.53 38.55 -2.92
C GLU A 46 4.36 39.37 -2.38
N ALA A 47 3.25 39.44 -3.11
CA ALA A 47 2.11 40.28 -2.74
C ALA A 47 0.86 39.45 -2.59
N PRO A 48 0.76 38.65 -1.52
CA PRO A 48 -0.45 37.85 -1.30
C PRO A 48 -1.63 38.66 -0.80
N GLN A 49 -1.41 39.93 -0.41
CA GLN A 49 -2.34 40.72 0.40
C GLN A 49 -3.80 40.51 0.04
N GLY A 50 -4.21 40.92 -1.15
CA GLY A 50 -5.62 40.75 -1.51
C GLY A 50 -5.88 39.62 -2.47
N GLN A 51 -4.94 38.69 -2.57
CA GLN A 51 -4.96 37.67 -3.63
C GLN A 51 -5.77 36.45 -3.22
N THR A 52 -6.10 35.64 -4.22
CA THR A 52 -6.82 34.38 -4.05
C THR A 52 -5.92 33.22 -4.46
N LEU A 53 -5.92 32.16 -3.64
CA LEU A 53 -5.22 30.91 -3.94
C LEU A 53 -6.25 29.82 -4.24
N VAL A 54 -6.01 29.03 -5.28
CA VAL A 54 -6.88 27.91 -5.61
C VAL A 54 -6.27 26.64 -5.03
N LEU A 55 -7.12 25.71 -4.60
CA LEU A 55 -6.65 24.56 -3.83
C LEU A 55 -7.58 23.38 -4.05
N GLY A 56 -7.01 22.20 -4.32
CA GLY A 56 -7.82 21.01 -4.43
C GLY A 56 -6.99 19.81 -4.84
N GLY A 57 -7.66 18.67 -4.93
CA GLY A 57 -6.99 17.43 -5.25
C GLY A 57 -7.95 16.35 -5.72
N ASP A 58 -7.48 15.11 -5.65
CA ASP A 58 -8.19 13.96 -6.22
C ASP A 58 -8.70 12.97 -5.17
N GLY A 59 -9.07 13.45 -3.98
CA GLY A 59 -9.34 12.51 -2.90
C GLY A 59 -8.04 11.82 -2.55
N ARG A 60 -8.08 10.50 -2.38
CA ARG A 60 -6.86 9.71 -2.19
C ARG A 60 -6.20 9.99 -0.85
N TYR A 61 -5.47 9.00 -0.35
CA TYR A 61 -4.95 9.06 1.01
C TYR A 61 -4.00 10.24 1.19
N PHE A 62 -4.17 10.94 2.31
CA PHE A 62 -3.34 12.02 2.84
C PHE A 62 -3.78 13.39 2.35
N ASN A 63 -4.58 13.43 1.27
CA ASN A 63 -5.03 14.70 0.71
C ASN A 63 -5.85 15.49 1.71
N ALA A 64 -6.70 14.79 2.47
CA ALA A 64 -7.59 15.49 3.39
C ALA A 64 -6.78 16.23 4.43
N GLU A 65 -5.80 15.56 5.03
CA GLU A 65 -4.97 16.19 6.04
C GLU A 65 -4.08 17.28 5.43
N ALA A 66 -3.62 17.05 4.20
CA ALA A 66 -2.70 17.99 3.57
C ALA A 66 -3.38 19.31 3.26
N ILE A 67 -4.61 19.25 2.76
CA ILE A 67 -5.37 20.47 2.44
C ILE A 67 -5.58 21.32 3.69
N GLN A 68 -5.78 20.67 4.84
CA GLN A 68 -5.94 21.41 6.10
C GLN A 68 -4.67 22.15 6.48
N VAL A 69 -3.50 21.54 6.25
CA VAL A 69 -2.25 22.25 6.50
C VAL A 69 -2.09 23.40 5.51
N ILE A 70 -2.41 23.16 4.24
CA ILE A 70 -2.21 24.20 3.22
C ILE A 70 -3.11 25.40 3.50
N LEU A 71 -4.35 25.15 3.91
CA LEU A 71 -5.25 26.25 4.28
C LEU A 71 -4.67 27.05 5.44
N LYS A 72 -4.24 26.36 6.49
CA LYS A 72 -3.71 27.01 7.68
C LYS A 72 -2.43 27.79 7.36
N MET A 73 -1.61 27.27 6.44
CA MET A 73 -0.45 28.06 6.06
C MET A 73 -0.81 29.22 5.16
N ALA A 74 -1.84 29.07 4.32
CA ALA A 74 -2.28 30.18 3.49
C ALA A 74 -2.79 31.35 4.34
N ALA A 75 -3.53 31.03 5.42
CA ALA A 75 -4.00 32.08 6.32
C ALA A 75 -2.82 32.84 6.94
N ALA A 76 -1.79 32.12 7.39
CA ALA A 76 -0.60 32.80 7.92
C ALA A 76 0.06 33.64 6.84
N LYS A 77 0.07 33.15 5.59
CA LYS A 77 0.69 33.88 4.48
C LYS A 77 0.04 35.24 4.27
N GLY A 78 -1.29 35.31 4.40
CA GLY A 78 -2.02 36.54 4.23
C GLY A 78 -2.94 36.62 3.03
N PHE A 79 -3.21 35.51 2.36
CA PHE A 79 -4.16 35.49 1.26
C PHE A 79 -5.52 35.98 1.74
N ALA A 80 -6.22 36.72 0.88
CA ALA A 80 -7.57 37.14 1.22
C ALA A 80 -8.53 35.95 1.20
N ARG A 81 -8.35 35.03 0.24
CA ARG A 81 -9.31 33.97 0.03
C ARG A 81 -8.61 32.75 -0.56
N VAL A 82 -9.11 31.57 -0.22
CA VAL A 82 -8.67 30.33 -0.82
C VAL A 82 -9.90 29.62 -1.37
N LYS A 83 -9.99 29.50 -2.68
CA LYS A 83 -11.05 28.73 -3.31
C LYS A 83 -10.64 27.26 -3.30
N VAL A 84 -11.29 26.48 -2.46
CA VAL A 84 -10.96 25.07 -2.28
C VAL A 84 -12.16 24.25 -2.72
N GLY A 85 -11.90 23.13 -3.39
CA GLY A 85 -12.99 22.32 -3.89
C GLY A 85 -13.76 21.65 -2.77
N GLN A 86 -15.03 21.36 -3.04
CA GLN A 86 -15.84 20.62 -2.10
C GLN A 86 -15.21 19.27 -1.81
N ASN A 87 -15.03 18.97 -0.53
CA ASN A 87 -14.38 17.74 -0.05
C ASN A 87 -12.93 17.65 -0.55
N GLY A 88 -12.32 18.81 -0.79
CA GLY A 88 -10.95 18.84 -1.26
C GLY A 88 -10.74 18.36 -2.68
N ILE A 89 -11.78 18.37 -3.50
CA ILE A 89 -11.74 17.79 -4.84
C ILE A 89 -11.60 18.91 -5.86
N LEU A 90 -10.58 18.81 -6.69
CA LEU A 90 -10.42 19.71 -7.83
C LEU A 90 -9.52 19.01 -8.82
N SER A 91 -9.96 18.94 -10.08
CA SER A 91 -9.09 18.34 -11.08
C SER A 91 -8.09 19.38 -11.58
N THR A 92 -7.06 18.90 -12.26
CA THR A 92 -6.06 19.80 -12.81
C THR A 92 -6.65 20.74 -13.87
N PRO A 93 -7.44 20.25 -14.84
CA PRO A 93 -8.07 21.22 -15.77
C PRO A 93 -9.02 22.16 -15.09
N ALA A 94 -9.77 21.67 -14.09
CA ALA A 94 -10.70 22.53 -13.35
C ALA A 94 -9.96 23.64 -12.62
N ALA A 95 -8.84 23.30 -11.96
CA ALA A 95 -8.07 24.31 -11.25
C ALA A 95 -7.51 25.34 -12.20
N SER A 96 -7.01 24.89 -13.36
CA SER A 96 -6.52 25.83 -14.37
C SER A 96 -7.63 26.76 -14.82
N CYS A 97 -8.82 26.21 -15.07
CA CYS A 97 -9.98 27.05 -15.35
C CYS A 97 -10.22 28.06 -14.23
N VAL A 98 -10.35 27.57 -12.99
CA VAL A 98 -10.72 28.44 -11.87
C VAL A 98 -9.65 29.51 -11.63
N ILE A 99 -8.37 29.15 -11.74
CA ILE A 99 -7.32 30.15 -11.55
C ILE A 99 -7.51 31.28 -12.57
N ARG A 100 -7.73 30.91 -13.83
CA ARG A 100 -7.82 31.90 -14.90
C ARG A 100 -9.05 32.78 -14.76
N LYS A 101 -10.18 32.19 -14.37
CA LYS A 101 -11.45 32.92 -14.34
C LYS A 101 -11.46 34.03 -13.29
N TYR A 102 -10.88 33.79 -12.11
CA TYR A 102 -11.01 34.72 -10.99
C TYR A 102 -9.75 35.53 -10.74
N GLY A 103 -8.75 35.41 -11.61
CA GLY A 103 -7.52 36.16 -11.44
C GLY A 103 -6.70 35.74 -10.24
N ALA A 104 -6.74 34.47 -9.87
CA ALA A 104 -6.02 34.00 -8.69
C ALA A 104 -4.52 34.07 -8.92
N VAL A 105 -3.78 34.22 -7.82
CA VAL A 105 -2.32 34.27 -7.91
C VAL A 105 -1.75 32.92 -8.36
N GLY A 106 -2.51 31.84 -8.19
CA GLY A 106 -2.10 30.53 -8.60
C GLY A 106 -2.93 29.47 -7.90
N GLY A 107 -2.40 28.25 -7.88
CA GLY A 107 -3.09 27.16 -7.22
C GLY A 107 -2.14 26.06 -6.82
N ILE A 108 -2.61 25.22 -5.92
CA ILE A 108 -1.89 24.04 -5.47
C ILE A 108 -2.80 22.86 -5.72
N ILE A 109 -2.38 21.96 -6.60
CA ILE A 109 -3.16 20.79 -7.00
C ILE A 109 -2.50 19.57 -6.39
N LEU A 110 -3.26 18.80 -5.63
CA LEU A 110 -2.74 17.59 -4.97
C LEU A 110 -3.21 16.39 -5.78
N SER A 111 -2.41 15.98 -6.75
CA SER A 111 -2.77 14.87 -7.62
C SER A 111 -1.51 14.12 -8.05
N ALA A 112 -1.66 12.81 -8.24
CA ALA A 112 -0.61 11.99 -8.84
C ALA A 112 -1.19 11.20 -10.01
N PRO A 119 5.61 6.11 -10.65
CA PRO A 119 5.31 5.00 -9.73
C PRO A 119 3.91 5.10 -9.12
N GLN A 120 3.12 4.04 -9.25
CA GLN A 120 1.73 4.09 -8.79
C GLN A 120 1.64 4.04 -7.27
N GLY A 121 0.84 4.94 -6.70
CA GLY A 121 0.72 5.06 -5.26
C GLY A 121 1.43 6.24 -4.63
N ASP A 122 2.01 7.12 -5.44
CA ASP A 122 2.77 8.25 -4.94
C ASP A 122 1.84 9.38 -4.52
N PHE A 123 2.43 10.39 -3.87
CA PHE A 123 1.72 11.60 -3.49
C PHE A 123 2.34 12.77 -4.22
N GLY A 124 1.51 13.70 -4.69
CA GLY A 124 1.98 14.79 -5.52
C GLY A 124 1.45 16.14 -5.11
N VAL A 125 2.32 17.15 -5.16
CA VAL A 125 1.98 18.55 -4.93
C VAL A 125 2.45 19.36 -6.14
N LYS A 126 1.51 19.97 -6.85
CA LYS A 126 1.81 20.74 -8.05
C LYS A 126 1.48 22.20 -7.81
N PHE A 127 2.31 23.11 -8.35
CA PHE A 127 2.10 24.53 -8.22
C PHE A 127 1.86 25.16 -9.60
N ASN A 128 0.71 25.81 -9.75
CA ASN A 128 0.35 26.52 -10.97
C ASN A 128 0.32 28.01 -10.70
N ILE A 129 0.75 28.80 -11.69
CA ILE A 129 0.91 30.24 -11.47
C ILE A 129 -0.29 30.99 -12.04
N ALA A 130 -0.15 32.32 -12.18
CA ALA A 130 -1.31 33.16 -12.40
C ALA A 130 -2.00 32.90 -13.73
N ASN A 131 -1.26 32.46 -14.75
CA ASN A 131 -1.90 32.19 -16.03
C ASN A 131 -2.62 30.85 -16.06
N GLY A 132 -2.59 30.09 -14.97
CA GLY A 132 -3.29 28.83 -14.89
C GLY A 132 -2.47 27.62 -15.31
N GLY A 133 -1.21 27.80 -15.68
CA GLY A 133 -0.39 26.69 -16.13
C GLY A 133 0.68 26.32 -15.13
N PRO A 134 1.45 25.27 -15.45
CA PRO A 134 2.48 24.81 -14.51
C PRO A 134 3.55 25.88 -14.31
N ALA A 135 4.24 25.76 -13.19
CA ALA A 135 5.28 26.74 -12.87
C ALA A 135 6.49 26.54 -13.78
N PRO A 136 7.03 27.60 -14.37
CA PRO A 136 8.24 27.45 -15.19
C PRO A 136 9.44 27.05 -14.34
N GLU A 137 10.47 26.46 -14.98
CA GLU A 137 11.64 26.02 -14.21
C GLU A 137 12.26 27.12 -13.30
N LYS A 138 12.32 28.37 -13.78
CA LYS A 138 12.91 29.39 -12.93
C LYS A 138 12.20 29.48 -11.58
N VAL A 139 10.89 29.20 -11.53
CA VAL A 139 10.15 29.20 -10.27
C VAL A 139 10.40 27.91 -9.50
N THR A 140 10.33 26.78 -10.21
CA THR A 140 10.57 25.48 -9.59
C THR A 140 11.95 25.40 -8.96
N ASN A 141 12.98 25.89 -9.65
CA ASN A 141 14.33 25.90 -9.08
C ASN A 141 14.40 26.80 -7.86
N ALA A 142 13.68 27.93 -7.89
CA ALA A 142 13.65 28.82 -6.73
C ALA A 142 13.00 28.14 -5.54
N ILE A 143 11.97 27.33 -5.78
CA ILE A 143 11.33 26.60 -4.69
C ILE A 143 12.29 25.57 -4.10
N TYR A 144 12.99 24.83 -4.96
CA TYR A 144 13.93 23.83 -4.47
C TYR A 144 15.07 24.48 -3.69
N GLU A 145 15.60 25.59 -4.18
CA GLU A 145 16.71 26.23 -3.47
C GLU A 145 16.25 26.74 -2.11
N ARG A 146 15.03 27.29 -2.05
CA ARG A 146 14.50 27.76 -0.78
C ARG A 146 14.26 26.60 0.18
N SER A 147 13.85 25.45 -0.34
CA SER A 147 13.57 24.29 0.50
C SER A 147 14.83 23.78 1.19
N LEU A 148 16.01 24.14 0.71
CA LEU A 148 17.27 23.72 1.29
C LEU A 148 17.82 24.73 2.29
N ALA A 149 17.21 25.90 2.41
CA ALA A 149 17.79 26.95 3.28
C ALA A 149 16.83 27.42 4.35
N LEU A 150 15.74 26.70 4.57
CA LEU A 150 14.71 27.24 5.50
C LEU A 150 14.98 26.82 6.93
N THR A 151 14.78 27.75 7.87
CA THR A 151 15.04 27.50 9.31
C THR A 151 13.72 27.47 10.05
N HIS A 152 12.64 27.90 9.40
CA HIS A 152 11.33 27.99 10.05
C HIS A 152 10.27 28.14 8.98
N TYR A 153 9.01 28.04 9.42
CA TYR A 153 7.86 28.34 8.57
C TYR A 153 6.74 28.89 9.43
N SER A 154 5.75 29.51 8.78
CA SER A 154 4.63 30.13 9.46
C SER A 154 3.34 29.37 9.17
N ILE A 155 2.47 29.27 10.17
CA ILE A 155 1.22 28.56 10.06
C ILE A 155 0.25 29.15 11.05
N TYR A 156 -1.04 29.08 10.74
CA TYR A 156 -2.11 29.56 11.61
C TYR A 156 -2.69 28.34 12.31
N THR A 157 -2.48 28.25 13.61
CA THR A 157 -3.01 27.11 14.36
C THR A 157 -4.48 27.34 14.64
N ALA A 158 -5.31 26.38 14.23
CA ALA A 158 -6.75 26.44 14.39
C ALA A 158 -7.30 25.04 14.10
N PRO A 159 -8.53 24.78 14.52
CA PRO A 159 -9.16 23.50 14.14
C PRO A 159 -9.46 23.46 12.64
N ASP A 160 -9.65 22.24 12.15
CA ASP A 160 -9.87 22.02 10.73
C ASP A 160 -11.16 22.69 10.29
N VAL A 161 -11.15 23.18 9.05
CA VAL A 161 -12.33 23.79 8.41
C VAL A 161 -13.07 22.70 7.65
N ASN A 162 -14.37 22.56 7.93
CA ASN A 162 -15.18 21.55 7.25
C ASN A 162 -15.38 21.94 5.78
N LEU A 163 -15.23 20.95 4.90
CA LEU A 163 -15.32 21.16 3.47
C LEU A 163 -16.46 20.39 2.82
N HIS A 164 -17.33 19.75 3.60
CA HIS A 164 -18.48 19.06 3.03
C HIS A 164 -19.53 19.95 2.36
N THR A 165 -19.69 21.22 2.78
CA THR A 165 -20.78 22.03 2.24
C THR A 165 -20.28 23.39 1.76
N LEU A 166 -20.93 23.89 0.71
CA LEU A 166 -20.45 25.08 0.00
C LEU A 166 -20.72 26.35 0.80
N GLY A 167 -19.83 27.32 0.66
CA GLY A 167 -20.00 28.61 1.30
C GLY A 167 -18.66 29.23 1.66
N GLU A 168 -18.73 30.33 2.38
CA GLU A 168 -17.56 31.07 2.85
C GLU A 168 -17.41 30.89 4.35
N PHE A 169 -16.23 30.44 4.77
CA PHE A 169 -15.96 30.09 6.16
C PHE A 169 -14.71 30.83 6.62
N PRO A 170 -14.73 31.45 7.81
CA PRO A 170 -13.58 32.25 8.23
C PRO A 170 -12.47 31.38 8.79
N LEU A 171 -11.23 31.89 8.64
CA LEU A 171 -10.04 31.26 9.21
C LEU A 171 -8.99 32.36 9.32
N GLY A 172 -8.86 32.95 10.51
CA GLY A 172 -8.07 34.16 10.63
C GLY A 172 -8.73 35.28 9.87
N GLU A 173 -7.91 36.13 9.24
CA GLU A 173 -8.43 37.18 8.36
C GLU A 173 -8.85 36.65 7.00
N MET A 174 -8.62 35.38 6.72
CA MET A 174 -8.75 34.81 5.40
C MET A 174 -10.12 34.16 5.22
N ILE A 175 -10.60 34.14 3.98
CA ILE A 175 -11.86 33.49 3.62
C ILE A 175 -11.56 32.14 2.97
N VAL A 176 -12.17 31.08 3.49
CA VAL A 176 -12.12 29.76 2.89
C VAL A 176 -13.41 29.56 2.11
N GLU A 177 -13.37 29.78 0.80
CA GLU A 177 -14.54 29.62 -0.06
C GLU A 177 -14.56 28.22 -0.65
N VAL A 178 -15.51 27.40 -0.22
CA VAL A 178 -15.65 26.02 -0.69
C VAL A 178 -16.54 26.05 -1.94
N ILE A 179 -15.92 25.82 -3.09
CA ILE A 179 -16.61 25.95 -4.36
C ILE A 179 -17.04 24.57 -4.85
N ASP A 180 -18.00 24.56 -5.78
CA ASP A 180 -18.37 23.32 -6.45
C ASP A 180 -17.27 22.93 -7.42
N PRO A 181 -16.69 21.73 -7.31
CA PRO A 181 -15.55 21.37 -8.16
C PRO A 181 -15.84 21.44 -9.66
N VAL A 182 -17.08 21.22 -10.08
CA VAL A 182 -17.37 21.04 -11.50
C VAL A 182 -18.03 22.26 -12.15
N ALA A 183 -18.71 23.11 -11.37
CA ALA A 183 -19.60 24.11 -11.93
C ALA A 183 -18.89 25.02 -12.94
N ASP A 184 -17.85 25.73 -12.49
CA ASP A 184 -17.12 26.64 -13.39
C ASP A 184 -16.55 25.88 -14.58
N TYR A 185 -15.97 24.71 -14.33
CA TYR A 185 -15.29 23.96 -15.39
C TYR A 185 -16.29 23.43 -16.42
N GLN A 186 -17.46 22.98 -15.98
CA GLN A 186 -18.48 22.53 -16.92
C GLN A 186 -19.05 23.68 -17.74
N ALA A 187 -19.11 24.88 -17.15
CA ALA A 187 -19.60 26.03 -17.91
C ALA A 187 -18.66 26.38 -19.04
N LEU A 188 -17.35 26.23 -18.81
CA LEU A 188 -16.38 26.47 -19.87
C LEU A 188 -16.54 25.45 -20.99
N LEU A 189 -16.67 24.17 -20.63
CA LEU A 189 -16.87 23.14 -21.64
C LEU A 189 -18.16 23.37 -22.43
N GLU A 190 -19.16 24.01 -21.82
CA GLU A 190 -20.42 24.23 -22.52
C GLU A 190 -20.35 25.36 -23.54
N THR A 191 -19.37 26.26 -23.41
CA THR A 191 -19.12 27.27 -24.42
C THR A 191 -18.32 26.74 -25.59
N LEU A 192 -17.75 25.54 -25.47
CA LEU A 192 -16.91 24.97 -26.53
C LEU A 192 -17.63 23.93 -27.37
N PHE A 193 -18.60 23.22 -26.80
CA PHE A 193 -19.26 22.13 -27.48
C PHE A 193 -20.77 22.27 -27.40
N ASP A 194 -21.44 21.69 -28.39
CA ASP A 194 -22.90 21.63 -28.44
C ASP A 194 -23.33 20.47 -27.55
N PHE A 195 -23.66 20.79 -26.29
CA PHE A 195 -24.06 19.74 -25.35
C PHE A 195 -25.37 19.07 -25.79
N ASP A 196 -26.22 19.80 -26.51
CA ASP A 196 -27.46 19.22 -27.03
C ASP A 196 -27.18 18.10 -28.01
N ARG A 197 -26.33 18.35 -29.01
CA ARG A 197 -26.03 17.32 -29.99
C ARG A 197 -25.23 16.16 -29.41
N ILE A 198 -24.41 16.42 -28.39
CA ILE A 198 -23.69 15.32 -27.75
C ILE A 198 -24.66 14.39 -27.04
N ALA A 199 -25.64 14.96 -26.32
CA ALA A 199 -26.63 14.13 -25.64
C ALA A 199 -27.43 13.29 -26.62
N GLU A 200 -27.59 13.77 -27.85
CA GLU A 200 -28.34 13.03 -28.85
C GLU A 200 -27.59 11.78 -29.30
N VAL A 201 -26.30 11.93 -29.64
CA VAL A 201 -25.56 10.78 -30.14
C VAL A 201 -25.32 9.74 -29.05
N ILE A 202 -25.34 10.14 -27.77
CA ILE A 202 -25.29 9.16 -26.69
C ILE A 202 -26.62 8.43 -26.57
N ARG A 203 -27.72 9.17 -26.70
CA ARG A 203 -29.05 8.56 -26.58
C ARG A 203 -29.26 7.47 -27.62
N THR A 204 -29.03 7.79 -28.89
CA THR A 204 -29.11 6.77 -29.94
C THR A 204 -28.17 5.61 -29.67
N GLY A 205 -27.02 5.89 -29.06
CA GLY A 205 -26.13 4.83 -28.61
C GLY A 205 -25.60 3.95 -29.71
N LYS A 206 -25.33 4.51 -30.89
CA LYS A 206 -24.82 3.72 -32.00
C LYS A 206 -23.30 3.75 -32.11
N LEU A 207 -22.63 4.73 -31.50
CA LEU A 207 -21.22 4.96 -31.71
C LEU A 207 -20.44 4.81 -30.41
N ARG A 208 -19.24 4.26 -30.50
CA ARG A 208 -18.40 4.14 -29.32
C ARG A 208 -17.90 5.51 -28.89
N LEU A 209 -17.50 5.58 -27.63
CA LEU A 209 -16.94 6.79 -27.06
C LEU A 209 -15.43 6.78 -27.25
N VAL A 210 -14.87 7.93 -27.63
CA VAL A 210 -13.46 8.03 -28.01
C VAL A 210 -12.71 8.86 -26.98
N PHE A 211 -11.47 8.46 -26.67
CA PHE A 211 -10.66 9.19 -25.70
C PHE A 211 -9.20 9.04 -26.08
N ASP A 212 -8.38 10.01 -25.67
CA ASP A 212 -6.97 10.03 -26.05
C ASP A 212 -6.02 10.18 -24.87
N ALA A 213 -6.52 10.31 -23.66
CA ALA A 213 -5.70 10.40 -22.46
C ALA A 213 -6.18 9.35 -21.48
N MET A 214 -5.25 8.56 -20.97
CA MET A 214 -5.60 7.56 -19.96
C MET A 214 -6.30 8.23 -18.79
N HIS A 215 -7.39 7.61 -18.32
CA HIS A 215 -8.22 8.02 -17.17
C HIS A 215 -9.19 9.14 -17.51
N ALA A 216 -9.32 9.52 -18.76
CA ALA A 216 -10.22 10.63 -19.09
C ALA A 216 -11.68 10.26 -18.83
N VAL A 217 -12.03 8.97 -19.00
CA VAL A 217 -13.41 8.51 -18.86
C VAL A 217 -13.59 7.83 -17.51
N THR A 218 -12.93 8.36 -16.47
CA THR A 218 -13.09 7.86 -15.11
C THR A 218 -13.08 9.05 -14.14
N GLY A 219 -13.71 8.85 -12.99
CA GLY A 219 -13.69 9.85 -11.95
C GLY A 219 -14.95 10.71 -11.87
N PRO A 220 -15.02 11.53 -10.82
CA PRO A 220 -16.26 12.29 -10.58
C PRO A 220 -16.54 13.37 -11.61
N TYR A 221 -15.55 13.84 -12.36
CA TYR A 221 -15.85 14.82 -13.40
C TYR A 221 -16.54 14.16 -14.60
N ALA A 222 -15.96 13.06 -15.09
CA ALA A 222 -16.63 12.28 -16.12
C ALA A 222 -17.97 11.75 -15.64
N GLN A 223 -18.13 11.57 -14.33
CA GLN A 223 -19.42 11.15 -13.78
C GLN A 223 -20.48 12.23 -14.00
N GLN A 224 -20.27 13.42 -13.42
CA GLN A 224 -21.31 14.44 -13.45
C GLN A 224 -21.58 14.93 -14.86
N ILE A 225 -20.56 14.99 -15.71
CA ILE A 225 -20.75 15.55 -17.05
C ILE A 225 -21.29 14.50 -18.02
N LEU A 226 -20.71 13.31 -18.03
CA LEU A 226 -21.12 12.34 -19.04
C LEU A 226 -22.42 11.64 -18.67
N GLU A 227 -22.56 11.21 -17.41
CA GLU A 227 -23.72 10.42 -17.02
C GLU A 227 -24.87 11.28 -16.49
N LYS A 228 -24.61 12.15 -15.50
CA LYS A 228 -25.70 12.91 -14.89
C LYS A 228 -26.21 14.02 -15.81
N CYS A 229 -25.30 14.71 -16.50
CA CYS A 229 -25.71 15.83 -17.33
C CYS A 229 -26.10 15.40 -18.73
N LEU A 230 -25.21 14.69 -19.42
CA LEU A 230 -25.40 14.32 -20.82
C LEU A 230 -26.17 13.01 -21.00
N GLY A 231 -26.60 12.36 -19.93
CA GLY A 231 -27.50 11.23 -20.04
C GLY A 231 -26.90 9.90 -20.45
N ALA A 232 -25.60 9.71 -20.26
CA ALA A 232 -25.00 8.42 -20.56
C ALA A 232 -25.53 7.38 -19.58
N PRO A 233 -25.59 6.11 -19.99
CA PRO A 233 -26.11 5.06 -19.09
C PRO A 233 -25.19 4.86 -17.90
N PRO A 234 -25.75 4.62 -16.72
CA PRO A 234 -24.90 4.28 -15.56
C PRO A 234 -23.99 3.10 -15.86
N GLY A 235 -22.76 3.19 -15.39
CA GLY A 235 -21.73 2.22 -15.70
C GLY A 235 -20.79 2.65 -16.81
N THR A 236 -21.17 3.67 -17.58
CA THR A 236 -20.30 4.19 -18.63
C THR A 236 -18.97 4.64 -18.05
N VAL A 237 -19.02 5.38 -16.95
CA VAL A 237 -17.81 5.90 -16.31
C VAL A 237 -17.39 4.95 -15.20
N GLN A 238 -16.11 4.57 -15.23
CA GLN A 238 -15.50 3.80 -14.16
C GLN A 238 -15.11 4.73 -13.02
N ASN A 239 -15.24 4.26 -11.79
CA ASN A 239 -14.85 5.04 -10.61
C ASN A 239 -13.67 4.38 -9.92
N GLY A 240 -12.74 5.19 -9.44
CA GLY A 240 -11.52 4.69 -8.82
C GLY A 240 -11.54 4.72 -7.30
N LEU A 255 -11.52 -1.39 -23.43
CA LEU A 255 -10.72 -0.55 -24.34
C LEU A 255 -10.49 -1.24 -25.69
N VAL A 256 -10.79 -0.53 -26.77
CA VAL A 256 -10.50 -1.04 -28.14
C VAL A 256 -9.60 0.01 -28.80
N TYR A 257 -8.60 -0.42 -29.56
CA TYR A 257 -7.71 0.56 -30.15
C TYR A 257 -8.23 0.94 -31.53
N ALA A 258 -8.26 2.25 -31.81
CA ALA A 258 -8.80 2.72 -33.08
C ALA A 258 -8.10 2.09 -34.27
N HIS A 259 -6.80 1.82 -34.16
CA HIS A 259 -6.12 1.15 -35.26
C HIS A 259 -6.63 -0.27 -35.45
N ASP A 260 -7.09 -0.93 -34.38
CA ASP A 260 -7.70 -2.26 -34.51
C ASP A 260 -9.05 -2.17 -35.20
N LEU A 261 -9.88 -1.22 -34.80
CA LEU A 261 -11.20 -1.06 -35.43
C LEU A 261 -11.10 -0.76 -36.93
N VAL A 262 -9.96 -0.22 -37.38
CA VAL A 262 -9.80 0.08 -38.80
C VAL A 262 -9.33 -1.15 -39.56
N GLN A 263 -8.46 -1.96 -38.94
CA GLN A 263 -8.10 -3.24 -39.53
C GLN A 263 -9.32 -4.15 -39.68
N GLN A 264 -10.13 -4.24 -38.61
CA GLN A 264 -11.37 -5.01 -38.61
C GLN A 264 -12.43 -4.41 -39.51
N LEU A 265 -12.12 -3.32 -40.19
CA LEU A 265 -13.00 -2.71 -41.18
C LEU A 265 -12.65 -3.15 -42.59
N PHE A 266 -11.43 -3.66 -42.80
CA PHE A 266 -10.99 -4.25 -44.05
C PHE A 266 -11.18 -5.76 -44.01
N ASP A 282 -27.76 -3.36 -31.55
CA ASP A 282 -29.01 -3.00 -30.88
C ASP A 282 -28.77 -2.37 -29.49
N ARG A 283 -27.93 -3.02 -28.67
CA ARG A 283 -27.58 -2.54 -27.34
C ARG A 283 -26.77 -1.25 -27.47
N ASN A 284 -26.55 -0.58 -26.33
CA ASN A 284 -25.90 0.72 -26.41
C ASN A 284 -24.53 0.52 -27.03
N MET A 285 -23.89 1.59 -27.43
CA MET A 285 -22.46 1.47 -27.73
C MET A 285 -21.58 2.29 -26.79
N ILE A 286 -22.11 3.39 -26.26
CA ILE A 286 -21.37 4.19 -25.28
C ILE A 286 -20.95 3.34 -24.08
N LEU A 287 -21.90 2.58 -23.54
CA LEU A 287 -21.64 1.82 -22.32
C LEU A 287 -20.54 0.78 -22.52
N GLY A 288 -20.38 0.27 -23.73
CA GLY A 288 -19.36 -0.70 -24.00
C GLY A 288 -17.95 -0.14 -23.97
N ALA A 289 -17.05 -0.81 -24.67
CA ALA A 289 -15.65 -0.41 -24.69
C ALA A 289 -15.50 1.03 -25.18
N ASN A 290 -14.43 1.68 -24.73
CA ASN A 290 -14.06 3.00 -25.18
C ASN A 290 -12.90 2.88 -26.18
N CYS A 291 -12.94 3.71 -27.23
CA CYS A 291 -11.94 3.63 -28.29
C CYS A 291 -10.79 4.59 -28.03
N PHE A 292 -9.59 4.05 -27.87
CA PHE A 292 -8.41 4.85 -27.64
C PHE A 292 -7.80 5.26 -28.98
N VAL A 293 -7.59 6.56 -29.15
CA VAL A 293 -6.84 7.13 -30.25
C VAL A 293 -5.60 7.77 -29.67
N THR A 294 -4.44 7.52 -30.27
CA THR A 294 -3.20 8.06 -29.71
C THR A 294 -3.25 9.58 -29.75
N PRO A 295 -2.65 10.24 -28.76
CA PRO A 295 -2.62 11.70 -28.76
C PRO A 295 -2.05 12.30 -30.04
N SER A 296 -1.12 11.60 -30.70
CA SER A 296 -0.54 12.11 -31.95
C SER A 296 -1.59 12.21 -33.04
N ASP A 297 -2.33 11.11 -33.26
CA ASP A 297 -3.37 11.12 -34.28
C ASP A 297 -4.58 11.92 -33.82
N SER A 298 -4.93 11.85 -32.54
CA SER A 298 -6.09 12.58 -32.05
C SER A 298 -5.96 14.08 -32.25
N LEU A 299 -4.76 14.62 -32.02
CA LEU A 299 -4.55 16.05 -32.21
C LEU A 299 -4.75 16.44 -33.67
N ALA A 300 -4.33 15.58 -34.59
CA ALA A 300 -4.53 15.85 -36.01
C ALA A 300 -6.01 15.81 -36.37
N ILE A 301 -6.71 14.75 -35.96
CA ILE A 301 -8.12 14.60 -36.29
C ILE A 301 -8.94 15.74 -35.69
N LEU A 302 -8.75 16.00 -34.40
CA LEU A 302 -9.50 17.07 -33.75
C LEU A 302 -9.32 18.38 -34.49
N ALA A 303 -8.09 18.69 -34.89
CA ALA A 303 -7.84 19.93 -35.61
C ALA A 303 -8.50 19.92 -36.99
N ALA A 304 -8.46 18.78 -37.68
CA ALA A 304 -9.09 18.68 -38.99
C ALA A 304 -10.61 18.80 -38.93
N ASN A 305 -11.23 18.52 -37.77
CA ASN A 305 -12.68 18.63 -37.64
C ASN A 305 -13.08 19.71 -36.64
N ALA A 306 -12.19 20.68 -36.39
CA ALA A 306 -12.44 21.67 -35.35
C ALA A 306 -13.62 22.56 -35.69
N GLN A 307 -13.82 22.87 -36.96
CA GLN A 307 -14.86 23.84 -37.31
C GLN A 307 -16.27 23.28 -37.19
N LEU A 308 -16.41 21.99 -36.88
CA LEU A 308 -17.73 21.41 -36.63
C LEU A 308 -18.28 21.73 -35.25
N VAL A 309 -17.49 22.33 -34.36
CA VAL A 309 -17.92 22.51 -32.97
C VAL A 309 -17.98 24.01 -32.67
N PRO A 310 -18.89 24.42 -31.78
CA PRO A 310 -19.05 25.87 -31.54
C PRO A 310 -17.78 26.58 -31.10
N GLY A 311 -16.97 25.94 -30.27
CA GLY A 311 -15.84 26.62 -29.66
C GLY A 311 -14.71 26.93 -30.60
N TYR A 312 -14.67 26.31 -31.79
CA TYR A 312 -13.58 26.55 -32.73
C TYR A 312 -14.12 26.74 -34.15
N ARG A 313 -15.27 27.41 -34.28
CA ARG A 313 -15.92 27.55 -35.59
C ARG A 313 -15.19 28.56 -36.48
N ASP A 314 -14.71 29.66 -35.92
CA ASP A 314 -14.04 30.68 -36.72
C ASP A 314 -12.66 30.25 -37.22
N GLY A 315 -12.17 29.09 -36.78
CA GLY A 315 -10.90 28.55 -37.24
C GLY A 315 -9.84 28.57 -36.15
N LEU A 316 -8.74 27.85 -36.42
CA LEU A 316 -7.63 27.76 -35.49
C LEU A 316 -6.57 28.81 -35.80
N ALA A 317 -5.99 29.38 -34.74
CA ALA A 317 -4.84 30.27 -34.89
C ALA A 317 -3.59 29.51 -35.29
N GLY A 318 -3.48 28.25 -34.86
CA GLY A 318 -2.30 27.45 -35.09
C GLY A 318 -2.38 26.18 -34.25
N ILE A 319 -1.37 25.34 -34.42
CA ILE A 319 -1.29 24.10 -33.65
C ILE A 319 0.12 24.01 -33.09
N ALA A 320 0.26 23.34 -31.95
CA ALA A 320 1.56 23.04 -31.38
C ALA A 320 1.59 21.59 -30.87
N ARG A 321 2.74 20.95 -31.01
CA ARG A 321 2.96 19.63 -30.44
C ARG A 321 4.37 19.60 -29.86
N SER A 322 4.58 18.71 -28.90
CA SER A 322 5.94 18.44 -28.48
C SER A 322 6.71 17.85 -29.66
N MET A 323 8.02 18.05 -29.66
CA MET A 323 8.83 17.62 -30.80
C MET A 323 8.69 16.14 -31.09
N PRO A 324 8.77 15.22 -30.11
CA PRO A 324 8.69 13.79 -30.45
C PRO A 324 7.29 13.31 -30.84
N THR A 325 6.26 14.13 -30.67
CA THR A 325 4.94 13.78 -31.18
C THR A 325 4.98 13.58 -32.69
N SER A 326 4.11 12.70 -33.21
CA SER A 326 4.17 12.42 -34.63
C SER A 326 3.70 13.65 -35.41
N GLN A 327 4.10 13.71 -36.66
CA GLN A 327 3.79 14.85 -37.52
C GLN A 327 2.38 14.79 -38.11
N ALA A 328 1.49 13.96 -37.56
CA ALA A 328 0.15 13.84 -38.11
C ALA A 328 -0.56 15.20 -38.15
N ALA A 329 -0.39 16.01 -37.11
CA ALA A 329 -1.03 17.32 -37.09
C ALA A 329 -0.38 18.29 -38.06
N ASP A 330 0.90 18.08 -38.39
CA ASP A 330 1.58 18.92 -39.37
C ASP A 330 0.85 18.90 -40.71
N ARG A 331 0.50 17.70 -41.18
CA ARG A 331 -0.18 17.57 -42.47
C ARG A 331 -1.52 18.32 -42.46
N VAL A 332 -2.20 18.33 -41.31
CA VAL A 332 -3.47 19.04 -41.24
C VAL A 332 -3.26 20.55 -41.25
N ALA A 333 -2.34 21.04 -40.42
CA ALA A 333 -2.05 22.47 -40.41
C ALA A 333 -1.64 22.98 -41.78
N ALA A 334 -0.92 22.17 -42.54
CA ALA A 334 -0.45 22.61 -43.85
C ALA A 334 -1.62 22.84 -44.81
N LYS A 335 -2.61 21.94 -44.79
CA LYS A 335 -3.78 22.10 -45.65
C LYS A 335 -4.67 23.24 -45.18
N LEU A 336 -4.69 23.54 -43.88
CA LEU A 336 -5.45 24.68 -43.38
C LEU A 336 -4.70 26.00 -43.52
N GLY A 337 -3.39 25.97 -43.80
CA GLY A 337 -2.63 27.19 -43.91
C GLY A 337 -2.39 27.91 -42.60
N ILE A 338 -2.09 27.16 -41.53
CA ILE A 338 -1.81 27.72 -40.21
C ILE A 338 -0.46 27.19 -39.75
N ASP A 339 0.16 27.93 -38.84
CA ASP A 339 1.47 27.56 -38.33
C ASP A 339 1.36 26.30 -37.47
N CYS A 340 2.48 25.59 -37.38
CA CYS A 340 2.56 24.36 -36.58
C CYS A 340 3.88 24.39 -35.82
N TYR A 341 3.79 24.68 -34.52
CA TYR A 341 4.96 24.86 -33.68
C TYR A 341 5.44 23.54 -33.08
N GLU A 342 6.76 23.38 -33.05
CA GLU A 342 7.42 22.18 -32.52
C GLU A 342 8.18 22.62 -31.27
N THR A 343 7.66 22.28 -30.10
CA THR A 343 8.21 22.68 -28.81
C THR A 343 8.88 21.50 -28.10
N PRO A 344 9.83 21.77 -27.19
CA PRO A 344 10.38 20.68 -26.39
C PRO A 344 9.30 20.04 -25.53
N THR A 345 9.55 18.81 -25.13
CA THR A 345 8.57 18.07 -24.35
C THR A 345 8.15 18.86 -23.10
N GLY A 346 6.84 18.98 -22.91
CA GLY A 346 6.28 19.65 -21.76
C GLY A 346 5.04 20.43 -22.15
N TRP A 347 4.00 20.38 -21.31
CA TRP A 347 2.88 21.30 -21.50
C TRP A 347 3.27 22.73 -21.14
N LYS A 348 4.54 22.91 -20.83
CA LYS A 348 5.13 24.11 -20.26
C LYS A 348 5.33 25.14 -21.36
N PHE A 349 5.99 24.69 -22.43
CA PHE A 349 6.26 25.52 -23.59
C PHE A 349 5.02 25.89 -24.38
N PHE A 350 3.92 25.14 -24.21
CA PHE A 350 2.68 25.52 -24.88
C PHE A 350 2.15 26.84 -24.35
N GLY A 351 2.51 27.18 -23.11
CA GLY A 351 1.85 28.30 -22.43
C GLY A 351 2.07 29.62 -23.13
N ASN A 352 3.32 29.91 -23.52
CA ASN A 352 3.59 31.17 -24.19
C ASN A 352 2.85 31.27 -25.51
N LEU A 353 2.72 30.15 -26.23
CA LEU A 353 2.07 30.21 -27.54
C LEU A 353 0.56 30.38 -27.40
N LEU A 354 -0.03 29.77 -26.37
CA LEU A 354 -1.48 29.93 -26.16
C LEU A 354 -1.81 31.34 -25.69
N ASP A 355 -0.99 31.90 -24.80
CA ASP A 355 -1.26 33.24 -24.28
C ASP A 355 -1.16 34.29 -25.39
N ALA A 356 -0.24 34.11 -26.32
CA ALA A 356 -0.03 35.03 -27.43
C ALA A 356 -1.03 34.84 -28.58
N GLY A 357 -1.95 33.89 -28.48
CA GLY A 357 -2.85 33.63 -29.58
C GLY A 357 -2.21 33.08 -30.83
N LYS A 358 -0.97 32.59 -30.75
CA LYS A 358 -0.36 31.95 -31.92
C LYS A 358 -0.86 30.53 -32.14
N VAL A 359 -1.47 29.91 -31.12
CA VAL A 359 -1.86 28.50 -31.14
C VAL A 359 -3.21 28.33 -30.46
N THR A 360 -4.06 27.47 -31.02
CA THR A 360 -5.36 27.14 -30.45
C THR A 360 -5.44 25.72 -29.91
N LEU A 361 -4.92 24.73 -30.62
CA LEU A 361 -4.91 23.34 -30.17
C LEU A 361 -3.47 22.87 -29.99
N CYS A 362 -3.28 21.95 -29.04
CA CYS A 362 -1.95 21.41 -28.76
C CYS A 362 -2.05 19.99 -28.20
N GLY A 363 -0.96 19.24 -28.37
CA GLY A 363 -0.93 17.85 -27.95
C GLY A 363 0.47 17.36 -27.65
N GLU A 364 0.55 16.35 -26.80
CA GLU A 364 1.82 15.77 -26.41
C GLU A 364 1.72 14.26 -26.53
N GLU A 365 2.68 13.66 -27.23
CA GLU A 365 2.73 12.21 -27.39
C GLU A 365 2.58 11.49 -26.06
N SER A 366 1.78 10.44 -26.06
CA SER A 366 1.55 9.57 -24.90
C SER A 366 1.08 10.32 -23.65
N PHE A 367 0.50 11.51 -23.81
CA PHE A 367 0.00 12.26 -22.66
C PHE A 367 -1.42 12.77 -22.87
N GLY A 368 -1.70 13.43 -23.99
CA GLY A 368 -3.05 13.88 -24.29
C GLY A 368 -3.05 15.14 -25.14
N THR A 369 -4.23 15.77 -25.19
CA THR A 369 -4.45 16.95 -26.01
C THR A 369 -5.14 18.03 -25.18
N GLY A 370 -5.22 19.24 -25.75
CA GLY A 370 -5.83 20.36 -25.08
C GLY A 370 -5.86 21.59 -25.96
N SER A 371 -6.49 22.65 -25.45
CA SER A 371 -6.58 23.89 -26.20
C SER A 371 -6.27 25.09 -25.31
N ASN A 372 -6.53 26.28 -25.82
CA ASN A 372 -6.33 27.47 -25.00
C ASN A 372 -7.44 27.70 -24.00
N HIS A 373 -8.42 26.80 -23.88
CA HIS A 373 -9.46 27.00 -22.88
C HIS A 373 -8.89 26.93 -21.47
N VAL A 374 -7.89 26.07 -21.24
CA VAL A 374 -7.12 26.07 -20.01
C VAL A 374 -5.64 26.08 -20.38
N ARG A 375 -4.77 25.75 -19.43
CA ARG A 375 -3.34 25.68 -19.70
C ARG A 375 -2.77 24.31 -19.33
N GLU A 376 -3.62 23.29 -19.31
CA GLU A 376 -3.22 21.94 -18.98
C GLU A 376 -3.86 20.98 -19.97
N LYS A 377 -3.25 19.80 -20.10
CA LYS A 377 -3.91 18.69 -20.78
C LYS A 377 -5.28 18.44 -20.18
N ASP A 378 -6.24 18.13 -21.04
CA ASP A 378 -7.63 17.95 -20.61
C ASP A 378 -8.21 16.73 -21.31
N GLY A 379 -8.42 15.65 -20.55
CA GLY A 379 -8.92 14.42 -21.14
C GLY A 379 -10.40 14.49 -21.46
N LEU A 380 -11.21 15.04 -20.55
CA LEU A 380 -12.64 15.19 -20.83
C LEU A 380 -12.87 16.11 -22.00
N TRP A 381 -12.11 17.20 -22.08
CA TRP A 381 -12.23 18.10 -23.22
C TRP A 381 -12.11 17.33 -24.54
N ALA A 382 -11.08 16.49 -24.66
CA ALA A 382 -10.92 15.70 -25.88
C ALA A 382 -12.08 14.72 -26.05
N VAL A 383 -12.55 14.12 -24.96
CA VAL A 383 -13.67 13.17 -25.05
C VAL A 383 -14.92 13.84 -25.57
N LEU A 384 -15.25 15.02 -25.02
CA LEU A 384 -16.40 15.78 -25.48
C LEU A 384 -16.19 16.26 -26.90
N PHE A 385 -14.98 16.74 -27.22
CA PHE A 385 -14.68 17.22 -28.57
C PHE A 385 -14.83 16.10 -29.59
N TRP A 386 -14.41 14.89 -29.23
CA TRP A 386 -14.67 13.73 -30.08
C TRP A 386 -16.16 13.46 -30.18
N LEU A 387 -16.88 13.55 -29.07
CA LEU A 387 -18.33 13.18 -29.10
C LEU A 387 -19.11 14.19 -29.92
N ASN A 388 -18.65 15.42 -30.01
CA ASN A 388 -19.33 16.46 -30.82
C ASN A 388 -19.08 16.17 -32.29
N ILE A 389 -17.87 15.70 -32.61
CA ILE A 389 -17.55 15.35 -34.02
C ILE A 389 -18.41 14.14 -34.41
N LEU A 390 -18.47 13.12 -33.55
CA LEU A 390 -19.27 11.94 -33.89
C LEU A 390 -20.73 12.31 -34.07
N ALA A 391 -21.24 13.30 -33.32
CA ALA A 391 -22.64 13.65 -33.40
C ALA A 391 -22.97 14.44 -34.66
N VAL A 392 -22.00 15.19 -35.19
CA VAL A 392 -22.22 16.01 -36.37
C VAL A 392 -22.00 15.22 -37.65
N ARG A 393 -20.99 14.35 -37.66
CA ARG A 393 -20.63 13.63 -38.88
C ARG A 393 -21.40 12.31 -39.03
N GLN A 394 -21.96 11.77 -37.95
CA GLN A 394 -22.81 10.58 -37.99
C GLN A 394 -22.11 9.43 -38.71
N THR A 395 -21.14 8.86 -37.99
CA THR A 395 -20.15 7.91 -38.50
C THR A 395 -19.22 7.43 -37.39
N PRO A 396 -18.98 6.12 -37.28
CA PRO A 396 -18.18 5.60 -36.15
C PRO A 396 -16.73 6.03 -36.25
N VAL A 397 -16.03 5.88 -35.12
CA VAL A 397 -14.66 6.35 -35.03
C VAL A 397 -13.79 5.70 -36.10
N ALA A 398 -14.00 4.39 -36.35
CA ALA A 398 -13.11 3.69 -37.27
C ALA A 398 -13.20 4.27 -38.68
N GLU A 399 -14.35 4.81 -39.06
CA GLU A 399 -14.46 5.41 -40.38
C GLU A 399 -13.86 6.80 -40.41
N ILE A 400 -14.02 7.57 -39.33
CA ILE A 400 -13.40 8.89 -39.24
C ILE A 400 -11.89 8.78 -39.38
N VAL A 401 -11.29 7.82 -38.69
CA VAL A 401 -9.85 7.65 -38.75
C VAL A 401 -9.42 7.19 -40.14
N LYS A 402 -10.12 6.18 -40.68
CA LYS A 402 -9.77 5.68 -42.01
C LYS A 402 -9.84 6.78 -43.05
N ASP A 403 -10.80 7.70 -42.90
CA ASP A 403 -10.92 8.81 -43.84
C ASP A 403 -9.82 9.84 -43.63
N HIS A 404 -9.48 10.12 -42.36
CA HIS A 404 -8.37 11.04 -42.08
C HIS A 404 -7.09 10.56 -42.76
N TRP A 405 -6.76 9.27 -42.59
CA TRP A 405 -5.56 8.73 -43.23
C TRP A 405 -5.68 8.76 -44.74
N ARG A 406 -6.87 8.51 -45.27
CA ARG A 406 -7.11 8.66 -46.70
C ARG A 406 -6.73 10.06 -47.18
N THR A 407 -7.15 11.08 -46.43
CA THR A 407 -6.95 12.47 -46.84
C THR A 407 -5.52 12.94 -46.62
N TYR A 408 -4.94 12.63 -45.46
CA TYR A 408 -3.67 13.22 -45.04
C TYR A 408 -2.52 12.22 -45.03
N GLY A 409 -2.79 10.93 -45.19
CA GLY A 409 -1.79 9.92 -44.98
C GLY A 409 -1.71 9.51 -43.52
N ARG A 410 -1.22 8.30 -43.31
CA ARG A 410 -1.05 7.80 -41.95
C ARG A 410 0.38 8.02 -41.50
N ASN A 411 0.53 8.49 -40.26
CA ASN A 411 1.84 8.63 -39.63
C ASN A 411 1.99 7.47 -38.66
N TYR A 412 2.47 6.35 -39.18
CA TYR A 412 2.84 5.24 -38.32
C TYR A 412 3.84 5.73 -37.28
N TYR A 413 3.70 5.24 -36.05
CA TYR A 413 4.36 5.89 -34.93
C TYR A 413 4.40 4.96 -33.72
N SER A 414 5.61 4.59 -33.30
CA SER A 414 5.84 3.82 -32.10
C SER A 414 7.06 4.37 -31.38
N ARG A 415 7.06 4.26 -30.05
CA ARG A 415 8.21 4.60 -29.22
C ARG A 415 8.82 3.34 -28.65
N HIS A 416 10.15 3.26 -28.70
CA HIS A 416 10.92 2.18 -28.10
C HIS A 416 11.72 2.74 -26.93
N ASP A 417 11.44 2.25 -25.72
CA ASP A 417 12.15 2.68 -24.52
C ASP A 417 13.20 1.64 -24.14
N TYR A 418 14.42 2.12 -23.89
CA TYR A 418 15.49 1.29 -23.35
C TYR A 418 15.76 1.81 -21.94
N GLU A 419 15.14 1.17 -20.95
CA GLU A 419 15.14 1.66 -19.58
C GLU A 419 16.37 1.16 -18.83
N GLY A 420 16.93 2.01 -17.97
CA GLY A 420 18.00 1.60 -17.09
C GLY A 420 19.35 1.36 -17.74
N ILE A 421 19.68 2.06 -18.83
CA ILE A 421 21.06 2.09 -19.27
C ILE A 421 21.85 2.76 -18.17
N GLU A 422 23.11 2.39 -18.02
CA GLU A 422 23.84 3.07 -16.97
C GLU A 422 24.06 4.52 -17.41
N GLY A 423 24.44 5.36 -16.45
CA GLY A 423 24.70 6.77 -16.68
C GLY A 423 25.31 7.16 -18.01
N ASP A 424 26.63 7.00 -18.17
CA ASP A 424 27.33 7.65 -19.27
C ASP A 424 27.61 6.73 -20.46
N ARG A 425 27.01 5.53 -20.52
CA ARG A 425 27.02 4.81 -21.79
C ARG A 425 25.96 5.38 -22.72
N ALA A 426 24.77 5.69 -22.21
CA ALA A 426 23.79 6.40 -23.01
C ALA A 426 24.33 7.74 -23.50
N HIS A 427 25.15 8.41 -22.68
CA HIS A 427 25.74 9.66 -23.11
C HIS A 427 26.79 9.46 -24.19
N THR A 428 27.47 8.31 -24.19
CA THR A 428 28.38 7.99 -25.28
C THR A 428 27.61 7.75 -26.58
N LEU A 429 26.50 7.02 -26.48
CA LEU A 429 25.62 6.80 -27.63
C LEU A 429 25.20 8.11 -28.27
N MET A 430 24.70 9.04 -27.47
CA MET A 430 24.21 10.30 -28.04
C MET A 430 25.35 11.14 -28.61
N SER A 431 26.54 11.12 -27.99
CA SER A 431 27.66 11.87 -28.53
C SER A 431 28.17 11.26 -29.84
N GLN A 432 28.34 9.94 -29.88
CA GLN A 432 28.82 9.34 -31.12
C GLN A 432 27.85 9.59 -32.25
N LEU A 433 26.55 9.64 -31.97
CA LEU A 433 25.58 9.91 -33.01
C LEU A 433 25.61 11.39 -33.41
N GLU A 434 25.68 12.30 -32.43
CA GLU A 434 25.73 13.74 -32.71
C GLU A 434 26.91 14.09 -33.63
N GLN A 435 28.07 13.48 -33.38
CA GLN A 435 29.21 13.50 -34.28
C GLN A 435 28.86 13.14 -35.72
N LYS A 436 28.11 12.06 -35.93
CA LYS A 436 27.86 11.59 -37.28
C LYS A 436 26.83 12.43 -38.04
N LEU A 437 26.15 13.37 -37.40
CA LEU A 437 24.97 13.99 -38.00
C LEU A 437 25.27 14.84 -39.24
N PRO A 438 26.31 15.69 -39.23
CA PRO A 438 26.56 16.49 -40.45
C PRO A 438 26.79 15.67 -41.71
N SER A 439 27.48 14.53 -41.62
CA SER A 439 27.71 13.72 -42.80
C SER A 439 26.47 12.94 -43.26
N LEU A 440 25.47 12.79 -42.38
CA LEU A 440 24.26 12.08 -42.77
C LEU A 440 23.42 12.86 -43.76
N VAL A 441 23.53 14.20 -43.75
CA VAL A 441 22.61 15.02 -44.53
C VAL A 441 22.84 14.77 -46.01
N GLY A 442 21.73 14.54 -46.74
CA GLY A 442 21.76 14.33 -48.16
C GLY A 442 21.94 12.90 -48.61
N GLN A 443 22.41 12.01 -47.73
CA GLN A 443 22.68 10.65 -48.13
C GLN A 443 21.42 9.80 -48.07
N THR A 444 21.43 8.70 -48.82
CA THR A 444 20.31 7.77 -48.85
C THR A 444 20.73 6.50 -48.11
N LEU A 445 20.03 6.20 -47.01
CA LEU A 445 20.30 5.01 -46.21
C LEU A 445 19.15 4.04 -46.44
N GLY A 446 19.43 2.97 -47.18
CA GLY A 446 18.36 2.07 -47.56
C GLY A 446 17.36 2.81 -48.42
N ALA A 447 16.14 2.92 -47.91
CA ALA A 447 15.01 3.50 -48.63
C ALA A 447 14.76 4.95 -48.29
N TYR A 448 15.57 5.55 -47.41
CA TYR A 448 15.26 6.86 -46.84
C TYR A 448 16.43 7.81 -47.09
N THR A 449 16.10 9.03 -47.54
CA THR A 449 17.07 10.08 -47.82
C THR A 449 16.98 11.16 -46.75
N VAL A 450 18.12 11.53 -46.18
CA VAL A 450 18.15 12.41 -45.02
C VAL A 450 17.99 13.86 -45.48
N ALA A 451 16.95 14.53 -44.98
CA ALA A 451 16.79 15.96 -45.22
C ALA A 451 17.36 16.80 -44.09
N THR A 452 17.29 16.30 -42.86
CA THR A 452 17.72 17.04 -41.69
C THR A 452 18.29 16.07 -40.67
N ALA A 453 19.43 16.43 -40.10
CA ALA A 453 20.05 15.66 -39.02
C ALA A 453 20.62 16.67 -38.05
N ASP A 454 19.97 16.85 -36.90
CA ASP A 454 20.35 17.95 -36.03
C ASP A 454 20.04 17.60 -34.58
N ASN A 455 20.56 18.45 -33.68
CA ASN A 455 20.23 18.42 -32.26
C ASN A 455 19.14 19.47 -32.04
N PHE A 456 17.96 19.04 -31.61
CA PHE A 456 16.81 19.94 -31.60
C PHE A 456 17.00 21.07 -30.60
N SER A 457 16.88 22.30 -31.08
CA SER A 457 16.82 23.48 -30.22
C SER A 457 15.53 24.22 -30.55
N TYR A 458 15.01 24.93 -29.57
CA TYR A 458 13.75 25.65 -29.73
C TYR A 458 13.96 27.09 -29.32
N SER A 459 13.69 28.02 -30.22
CA SER A 459 13.70 29.44 -29.91
C SER A 459 12.26 29.89 -29.71
N ASP A 460 11.94 30.30 -28.48
CA ASP A 460 10.59 30.69 -28.11
C ASP A 460 10.13 31.92 -28.90
N PRO A 461 9.06 31.83 -29.71
CA PRO A 461 8.63 32.99 -30.50
C PRO A 461 8.12 34.16 -29.67
N VAL A 462 8.04 33.98 -28.35
CA VAL A 462 7.58 35.03 -27.43
C VAL A 462 8.67 35.38 -26.42
N ASP A 463 9.22 34.38 -25.73
CA ASP A 463 10.31 34.60 -24.76
C ASP A 463 11.60 35.00 -25.45
N HIS A 464 11.86 34.43 -26.62
CA HIS A 464 13.19 34.36 -27.24
C HIS A 464 14.18 33.63 -26.36
N SER A 465 13.67 32.79 -25.46
CA SER A 465 14.49 31.90 -24.64
C SER A 465 14.77 30.62 -25.42
N VAL A 466 16.03 30.25 -25.48
CA VAL A 466 16.45 29.08 -26.24
C VAL A 466 16.54 27.87 -25.29
N SER A 467 15.97 26.76 -25.76
CA SER A 467 16.10 25.48 -25.04
C SER A 467 16.94 24.59 -25.96
N GLN A 468 18.12 24.16 -25.53
CA GLN A 468 19.02 23.42 -26.45
C GLN A 468 19.13 21.94 -26.09
N ASN A 469 19.78 21.15 -26.95
CA ASN A 469 19.98 19.69 -26.71
C ASN A 469 18.69 19.02 -26.23
N GLN A 470 17.67 18.99 -27.08
CA GLN A 470 16.37 18.40 -26.70
C GLN A 470 16.14 17.10 -27.47
N GLY A 471 17.17 16.55 -28.10
CA GLY A 471 17.08 15.28 -28.78
C GLY A 471 17.61 15.35 -30.20
N ILE A 472 18.00 14.19 -30.73
CA ILE A 472 18.55 14.11 -32.08
C ILE A 472 17.44 13.72 -33.04
N ARG A 473 17.39 14.40 -34.18
CA ARG A 473 16.35 14.21 -35.18
C ARG A 473 16.99 13.73 -36.48
N LEU A 474 16.53 12.60 -36.97
CA LEU A 474 16.76 12.19 -38.35
C LEU A 474 15.43 12.36 -39.06
N ILE A 475 15.38 13.33 -39.97
CA ILE A 475 14.16 13.66 -40.69
C ILE A 475 14.38 13.33 -42.16
N PHE A 476 13.53 12.48 -42.69
CA PHE A 476 13.70 12.02 -44.09
C PHE A 476 12.75 12.79 -45.01
N GLU A 477 13.05 12.78 -46.31
CA GLU A 477 12.29 13.58 -47.29
C GLU A 477 10.87 13.04 -47.52
N ASP A 478 10.68 11.73 -47.39
CA ASP A 478 9.36 11.12 -47.59
C ASP A 478 8.40 11.54 -46.48
N GLY A 479 8.93 12.15 -45.43
CA GLY A 479 8.11 12.51 -44.29
C GLY A 479 8.32 11.64 -43.05
N SER A 480 9.07 10.54 -43.16
CA SER A 480 9.39 9.68 -42.03
C SER A 480 10.44 10.33 -41.14
N ARG A 481 10.68 9.72 -39.98
CA ARG A 481 11.49 10.38 -38.97
C ARG A 481 11.94 9.37 -37.93
N ILE A 482 13.15 9.60 -37.39
CA ILE A 482 13.65 8.88 -36.22
C ILE A 482 14.15 9.92 -35.22
N VAL A 483 13.73 9.80 -33.97
CA VAL A 483 14.11 10.75 -32.94
C VAL A 483 14.67 9.98 -31.75
N TYR A 484 15.82 10.42 -31.23
CA TYR A 484 16.43 9.88 -30.02
C TYR A 484 16.41 10.92 -28.91
N ARG A 485 16.00 10.50 -27.72
CA ARG A 485 16.06 11.37 -26.53
C ARG A 485 16.54 10.56 -25.34
N LEU A 486 17.23 11.21 -24.42
CA LEU A 486 17.56 10.64 -23.13
C LEU A 486 16.66 11.23 -22.05
N SER A 487 16.23 10.39 -21.12
CA SER A 487 15.37 10.77 -20.02
C SER A 487 15.95 10.19 -18.73
N GLY A 488 15.53 10.78 -17.61
CA GLY A 488 15.98 10.30 -16.32
C GLY A 488 17.45 10.53 -16.02
N THR A 489 18.11 11.41 -16.77
CA THR A 489 19.49 11.78 -16.46
C THR A 489 19.54 12.49 -15.11
N GLY A 490 20.24 11.88 -14.16
CA GLY A 490 20.17 12.31 -12.77
C GLY A 490 20.05 11.10 -11.87
N THR A 491 19.22 10.14 -12.27
CA THR A 491 19.16 8.84 -11.61
C THR A 491 20.49 8.11 -11.83
N GLN A 492 20.70 7.04 -11.04
CA GLN A 492 21.78 6.11 -11.32
C GLN A 492 21.75 5.63 -12.77
N GLY A 493 20.55 5.52 -13.36
CA GLY A 493 20.39 5.11 -14.73
C GLY A 493 19.66 6.15 -15.57
N ALA A 494 19.68 5.94 -16.88
CA ALA A 494 19.01 6.79 -17.85
C ALA A 494 18.22 5.93 -18.83
N THR A 495 17.19 6.52 -19.41
CA THR A 495 16.33 5.84 -20.38
C THR A 495 16.56 6.43 -21.77
N LEU A 496 16.92 5.58 -22.73
CA LEU A 496 17.00 5.98 -24.13
C LEU A 496 15.66 5.73 -24.81
N ARG A 497 15.06 6.79 -25.34
CA ARG A 497 13.79 6.70 -26.07
C ARG A 497 14.03 6.92 -27.56
N VAL A 498 13.51 6.00 -28.38
CA VAL A 498 13.67 6.03 -29.82
C VAL A 498 12.28 6.13 -30.42
N TYR A 499 12.01 7.22 -31.13
CA TYR A 499 10.71 7.45 -31.74
C TYR A 499 10.79 7.12 -33.22
N LEU A 500 9.95 6.18 -33.67
CA LEU A 500 9.95 5.72 -35.04
C LEU A 500 8.69 6.25 -35.71
N GLU A 501 8.85 6.84 -36.90
CA GLU A 501 7.71 7.42 -37.61
C GLU A 501 7.86 7.13 -39.10
N ARG A 502 6.91 6.39 -39.66
CA ARG A 502 6.84 6.18 -41.10
C ARG A 502 5.61 6.87 -41.66
N PHE A 503 5.79 7.68 -42.70
CA PHE A 503 4.67 8.34 -43.37
C PHE A 503 4.23 7.51 -44.57
N GLU A 504 2.97 7.12 -44.58
CA GLU A 504 2.43 6.28 -45.64
C GLU A 504 1.33 7.02 -46.37
N PRO A 505 1.55 7.43 -47.63
CA PRO A 505 0.50 8.16 -48.36
C PRO A 505 -0.48 7.25 -49.08
N HIS A 506 -0.08 6.02 -49.37
CA HIS A 506 -0.93 5.08 -50.12
C HIS A 506 -2.01 4.51 -49.22
N PRO A 507 -3.30 4.71 -49.54
CA PRO A 507 -4.36 4.20 -48.66
C PRO A 507 -4.39 2.68 -48.50
N SER A 508 -3.86 1.92 -49.47
CA SER A 508 -3.87 0.46 -49.37
C SER A 508 -2.82 -0.04 -48.38
N GLN A 509 -1.87 0.81 -48.00
CA GLN A 509 -0.82 0.48 -47.06
C GLN A 509 -1.07 1.07 -45.67
N GLN A 510 -2.31 1.49 -45.38
CA GLN A 510 -2.58 2.31 -44.20
C GLN A 510 -3.23 1.53 -43.07
N HIS A 511 -3.20 0.21 -43.10
CA HIS A 511 -3.77 -0.54 -41.99
C HIS A 511 -2.88 -1.71 -41.59
N LEU A 512 -1.56 -1.57 -41.77
CA LEU A 512 -0.60 -2.56 -41.33
C LEU A 512 -0.48 -2.56 -39.80
N ASP A 513 0.13 -3.62 -39.30
CA ASP A 513 0.55 -3.63 -37.90
C ASP A 513 1.72 -2.67 -37.75
N ALA A 514 1.63 -1.78 -36.75
CA ALA A 514 2.55 -0.66 -36.65
C ALA A 514 4.02 -1.12 -36.64
N GLN A 515 4.33 -2.19 -35.89
CA GLN A 515 5.72 -2.64 -35.84
C GLN A 515 6.18 -3.26 -37.16
N VAL A 516 5.27 -3.89 -37.91
CA VAL A 516 5.63 -4.38 -39.24
C VAL A 516 5.92 -3.20 -40.17
N ALA A 517 5.02 -2.22 -40.19
CA ALA A 517 5.22 -1.03 -41.01
C ALA A 517 6.53 -0.32 -40.67
N LEU A 518 6.94 -0.33 -39.40
CA LEU A 518 8.13 0.37 -38.97
C LEU A 518 9.39 -0.48 -38.98
N ALA A 519 9.30 -1.74 -39.45
CA ALA A 519 10.44 -2.64 -39.32
C ALA A 519 11.70 -2.06 -39.96
N ASP A 520 11.58 -1.49 -41.17
CA ASP A 520 12.75 -0.96 -41.85
C ASP A 520 13.35 0.21 -41.09
N LEU A 521 12.51 1.17 -40.68
CA LEU A 521 13.00 2.27 -39.86
C LEU A 521 13.55 1.80 -38.53
N ILE A 522 12.98 0.72 -37.97
CA ILE A 522 13.51 0.21 -36.72
C ILE A 522 14.95 -0.27 -36.91
N GLN A 523 15.21 -1.03 -37.98
CA GLN A 523 16.55 -1.59 -37.98
C GLN A 523 17.57 -0.56 -38.46
N LEU A 524 17.10 0.50 -39.10
CA LEU A 524 17.98 1.62 -39.42
C LEU A 524 18.29 2.43 -38.17
N ALA A 525 17.26 2.73 -37.37
CA ALA A 525 17.48 3.45 -36.11
C ALA A 525 18.50 2.73 -35.24
N ASN A 526 18.40 1.40 -35.17
CA ASN A 526 19.29 0.61 -34.33
C ASN A 526 20.71 0.57 -34.90
N ASP A 527 20.84 0.46 -36.23
CA ASP A 527 22.17 0.32 -36.82
C ASP A 527 22.96 1.63 -36.71
N VAL A 528 22.38 2.75 -37.11
CA VAL A 528 23.15 3.99 -37.21
C VAL A 528 23.54 4.49 -35.83
N ALA A 529 22.68 4.30 -34.84
CA ALA A 529 23.01 4.69 -33.48
C ALA A 529 23.87 3.65 -32.75
N ASN A 530 24.00 2.45 -33.31
CA ASN A 530 24.67 1.32 -32.68
C ASN A 530 24.12 1.06 -31.28
N ILE A 531 22.79 0.88 -31.21
CA ILE A 531 22.13 0.73 -29.92
C ILE A 531 22.59 -0.54 -29.22
N GLN A 532 22.55 -1.68 -29.93
CA GLN A 532 22.91 -2.95 -29.30
C GLN A 532 24.38 -2.99 -28.89
N SER A 533 25.28 -2.58 -29.78
CA SER A 533 26.71 -2.65 -29.48
C SER A 533 27.09 -1.75 -28.31
N LEU A 534 26.40 -0.62 -28.15
CA LEU A 534 26.79 0.41 -27.17
C LEU A 534 26.02 0.34 -25.86
N THR A 535 24.93 -0.43 -25.80
CA THR A 535 24.19 -0.61 -24.56
C THR A 535 24.03 -2.07 -24.14
N GLY A 536 24.32 -3.03 -25.01
CA GLY A 536 24.14 -4.43 -24.67
C GLY A 536 22.72 -4.92 -24.68
N ARG A 537 21.76 -4.10 -25.11
CA ARG A 537 20.34 -4.46 -25.11
C ARG A 537 19.95 -5.06 -26.46
N ASP A 538 19.39 -6.28 -26.44
CA ASP A 538 18.90 -6.93 -27.65
C ASP A 538 17.44 -6.53 -27.99
N ARG A 539 16.57 -6.43 -26.97
CA ARG A 539 15.17 -6.01 -27.04
C ARG A 539 15.02 -4.62 -26.42
N PRO A 540 14.07 -3.82 -26.89
CA PRO A 540 13.66 -2.66 -26.10
C PRO A 540 12.97 -3.12 -24.82
N THR A 541 13.01 -2.27 -23.80
CA THR A 541 12.29 -2.56 -22.56
C THR A 541 10.78 -2.47 -22.78
N VAL A 542 10.31 -1.37 -23.36
CA VAL A 542 8.90 -1.16 -23.64
C VAL A 542 8.75 -0.77 -25.10
N ILE A 543 7.67 -1.24 -25.73
CA ILE A 543 7.32 -0.88 -27.10
C ILE A 543 5.86 -0.45 -27.08
N THR A 544 5.62 0.83 -27.34
CA THR A 544 4.27 1.36 -27.41
C THR A 544 3.62 1.07 -28.77
N MET B 1 -15.69 -49.12 39.05
CA MET B 1 -15.94 -49.42 40.45
C MET B 1 -16.33 -48.16 41.23
N GLY B 2 -16.30 -46.99 40.61
CA GLY B 2 -17.08 -45.85 41.03
C GLY B 2 -16.26 -44.61 41.37
N ILE B 3 -16.98 -43.60 41.86
CA ILE B 3 -16.40 -42.34 42.30
C ILE B 3 -15.69 -42.55 43.64
N GLN B 4 -14.52 -41.91 43.81
CA GLN B 4 -13.72 -42.07 45.01
C GLN B 4 -13.09 -40.75 45.42
N VAL B 5 -13.04 -40.53 46.72
CA VAL B 5 -12.27 -39.42 47.27
C VAL B 5 -10.87 -39.92 47.57
N ILE B 6 -9.87 -39.12 47.18
CA ILE B 6 -8.48 -39.51 47.34
C ILE B 6 -7.76 -38.38 48.07
N ALA B 7 -7.23 -38.67 49.25
CA ALA B 7 -6.53 -37.66 50.03
C ALA B 7 -5.26 -37.23 49.32
N THR B 8 -4.91 -35.96 49.50
CA THR B 8 -3.75 -35.39 48.83
C THR B 8 -3.17 -34.33 49.73
N THR B 9 -1.98 -33.86 49.39
CA THR B 9 -1.39 -32.73 50.08
C THR B 9 -0.86 -31.75 49.05
N PRO B 10 -0.91 -30.45 49.35
CA PRO B 10 -0.61 -29.45 48.33
C PRO B 10 0.84 -29.54 47.86
N PHE B 11 1.05 -29.13 46.62
CA PHE B 11 2.36 -28.77 46.10
C PHE B 11 2.49 -27.25 46.11
N LYS B 12 3.69 -26.77 45.81
CA LYS B 12 4.00 -25.36 46.10
C LYS B 12 4.01 -24.45 44.88
N ASP B 13 4.35 -24.93 43.69
CA ASP B 13 4.47 -24.01 42.55
C ASP B 13 3.53 -24.37 41.42
N GLN B 14 2.30 -24.76 41.75
CA GLN B 14 1.27 -25.00 40.74
C GLN B 14 0.59 -23.71 40.33
N LYS B 15 1.41 -22.69 40.08
CA LYS B 15 0.99 -21.36 39.65
C LYS B 15 1.05 -21.30 38.14
N PRO B 16 -0.07 -21.29 37.43
CA PRO B 16 -0.04 -21.38 35.96
C PRO B 16 0.69 -20.25 35.27
N GLY B 17 0.12 -19.06 35.25
CA GLY B 17 0.70 -18.00 34.44
C GLY B 17 0.16 -17.91 33.03
N THR B 18 1.02 -17.59 32.07
CA THR B 18 0.52 -17.13 30.76
C THR B 18 0.05 -18.29 29.88
N SER B 19 0.72 -19.45 29.95
CA SER B 19 0.39 -20.55 29.06
C SER B 19 -0.06 -21.81 29.81
N GLY B 20 -0.59 -21.66 31.04
CA GLY B 20 -0.86 -22.81 31.91
C GLY B 20 0.39 -23.22 32.66
N LEU B 21 0.28 -24.27 33.49
CA LEU B 21 1.46 -24.85 34.12
C LEU B 21 2.40 -25.51 33.13
N ARG B 22 3.65 -25.09 33.18
CA ARG B 22 4.77 -25.74 32.51
C ARG B 22 5.78 -26.18 33.56
N LYS B 23 6.05 -27.49 33.62
CA LYS B 23 7.05 -28.08 34.48
C LYS B 23 7.68 -29.26 33.75
N PRO B 24 8.88 -29.68 34.16
CA PRO B 24 9.46 -30.90 33.57
C PRO B 24 8.57 -32.11 33.77
N VAL B 25 8.62 -33.02 32.81
CA VAL B 25 7.76 -34.21 32.88
C VAL B 25 7.86 -34.93 34.22
N PRO B 26 9.05 -35.18 34.78
CA PRO B 26 9.09 -35.81 36.11
C PRO B 26 8.35 -35.04 37.19
N VAL B 27 8.23 -33.72 37.07
CA VAL B 27 7.52 -32.96 38.10
C VAL B 27 6.02 -33.23 38.02
N PHE B 28 5.47 -33.20 36.81
CA PHE B 28 4.06 -33.55 36.62
C PHE B 28 3.77 -35.01 36.94
N GLN B 29 4.78 -35.87 36.91
CA GLN B 29 4.55 -37.28 37.19
C GLN B 29 4.57 -37.59 38.68
N GLN B 30 4.91 -36.64 39.52
CA GLN B 30 4.84 -36.87 40.96
C GLN B 30 3.44 -37.38 41.31
N PRO B 31 3.32 -38.30 42.26
CA PRO B 31 1.99 -38.84 42.58
C PRO B 31 1.06 -37.72 43.03
N HIS B 32 -0.10 -37.63 42.39
CA HIS B 32 -1.18 -36.68 42.66
C HIS B 32 -0.89 -35.29 42.11
N TYR B 33 0.25 -35.06 41.47
CA TYR B 33 0.52 -33.72 40.96
C TYR B 33 -0.51 -33.30 39.92
N LEU B 34 -0.69 -34.13 38.89
CA LEU B 34 -1.67 -33.80 37.86
C LEU B 34 -3.07 -33.70 38.44
N GLU B 35 -3.44 -34.64 39.33
CA GLU B 35 -4.78 -34.65 39.89
C GLU B 35 -5.05 -33.39 40.72
N ASN B 36 -4.07 -32.96 41.51
CA ASN B 36 -4.22 -31.71 42.27
C ASN B 36 -4.57 -30.56 41.35
N PHE B 37 -3.79 -30.38 40.28
CA PHE B 37 -4.00 -29.24 39.40
C PHE B 37 -5.33 -29.34 38.67
N ILE B 38 -5.66 -30.53 38.15
CA ILE B 38 -6.93 -30.71 37.46
C ILE B 38 -8.10 -30.49 38.40
N GLN B 39 -7.98 -30.97 39.64
CA GLN B 39 -9.01 -30.72 40.64
C GLN B 39 -9.19 -29.22 40.89
N ALA B 40 -8.08 -28.48 40.95
CA ALA B 40 -8.17 -27.03 41.18
C ALA B 40 -8.84 -26.31 40.02
N ILE B 41 -8.63 -26.78 38.79
CA ILE B 41 -9.34 -26.23 37.64
C ILE B 41 -10.83 -26.48 37.76
N PHE B 42 -11.21 -27.75 37.99
CA PHE B 42 -12.63 -28.12 38.04
C PHE B 42 -13.37 -27.40 39.17
N ASP B 43 -12.67 -27.05 40.26
CA ASP B 43 -13.35 -26.39 41.36
C ASP B 43 -13.73 -24.95 41.06
N THR B 44 -13.28 -24.40 39.91
CA THR B 44 -13.74 -23.09 39.45
C THR B 44 -14.99 -23.17 38.59
N ILE B 45 -15.30 -24.33 38.02
CA ILE B 45 -16.59 -24.55 37.35
C ILE B 45 -17.62 -24.89 38.42
N GLU B 46 -18.62 -24.03 38.61
CA GLU B 46 -19.62 -24.27 39.65
C GLU B 46 -20.78 -25.12 39.17
N ALA B 47 -21.13 -25.08 37.88
CA ALA B 47 -22.31 -25.77 37.35
C ALA B 47 -21.94 -26.66 36.18
N PRO B 48 -21.28 -27.80 36.43
CA PRO B 48 -20.89 -28.69 35.33
C PRO B 48 -22.01 -29.56 34.79
N GLN B 49 -23.16 -29.59 35.48
CA GLN B 49 -24.22 -30.59 35.30
C GLN B 49 -24.41 -31.06 33.86
N GLY B 50 -24.89 -30.20 32.98
CA GLY B 50 -25.11 -30.64 31.61
C GLY B 50 -24.08 -30.16 30.61
N GLN B 51 -22.89 -29.82 31.07
CA GLN B 51 -21.90 -29.13 30.25
C GLN B 51 -20.98 -30.09 29.52
N THR B 52 -20.20 -29.52 28.61
CA THR B 52 -19.21 -30.25 27.83
C THR B 52 -17.83 -29.67 28.09
N LEU B 53 -16.84 -30.55 28.25
CA LEU B 53 -15.44 -30.17 28.40
C LEU B 53 -14.66 -30.64 27.18
N VAL B 54 -13.78 -29.78 26.68
CA VAL B 54 -12.95 -30.13 25.52
C VAL B 54 -11.58 -30.56 26.03
N LEU B 55 -11.00 -31.58 25.41
CA LEU B 55 -9.79 -32.19 25.91
C LEU B 55 -8.92 -32.66 24.76
N GLY B 56 -7.63 -32.36 24.82
CA GLY B 56 -6.72 -32.86 23.80
C GLY B 56 -5.32 -32.34 24.03
N GLY B 57 -4.41 -32.80 23.17
CA GLY B 57 -3.02 -32.43 23.28
C GLY B 57 -2.24 -32.70 22.00
N ASP B 58 -0.92 -32.80 22.15
CA ASP B 58 -0.01 -32.86 21.01
C ASP B 58 0.76 -34.18 20.93
N GLY B 59 0.17 -35.29 21.37
CA GLY B 59 0.96 -36.50 21.51
C GLY B 59 1.96 -36.28 22.62
N ARG B 60 3.20 -36.67 22.39
CA ARG B 60 4.29 -36.36 23.33
C ARG B 60 4.18 -37.13 24.64
N TYR B 61 5.32 -37.40 25.27
CA TYR B 61 5.35 -38.29 26.41
C TYR B 61 4.51 -37.75 27.57
N PHE B 62 3.71 -38.65 28.16
CA PHE B 62 2.89 -38.49 29.35
C PHE B 62 1.47 -38.02 29.04
N ASN B 63 1.25 -37.54 27.82
CA ASN B 63 -0.06 -37.03 27.46
C ASN B 63 -1.11 -38.12 27.50
N ALA B 64 -0.75 -39.31 27.03
CA ALA B 64 -1.71 -40.40 26.97
C ALA B 64 -2.22 -40.73 28.35
N GLU B 65 -1.30 -40.87 29.32
CA GLU B 65 -1.71 -41.19 30.68
C GLU B 65 -2.46 -40.03 31.32
N ALA B 66 -2.05 -38.79 31.02
CA ALA B 66 -2.68 -37.62 31.62
C ALA B 66 -4.13 -37.48 31.18
N ILE B 67 -4.39 -37.66 29.88
CA ILE B 67 -5.74 -37.56 29.35
C ILE B 67 -6.67 -38.56 30.03
N GLN B 68 -6.17 -39.76 30.32
CA GLN B 68 -6.98 -40.76 31.02
C GLN B 68 -7.34 -40.32 32.43
N VAL B 69 -6.41 -39.68 33.14
CA VAL B 69 -6.74 -39.14 34.45
C VAL B 69 -7.77 -38.03 34.32
N ILE B 70 -7.59 -37.13 33.35
CA ILE B 70 -8.50 -35.99 33.22
C ILE B 70 -9.91 -36.47 32.92
N LEU B 71 -10.05 -37.45 32.01
CA LEU B 71 -11.37 -38.00 31.71
C LEU B 71 -12.03 -38.56 32.96
N LYS B 72 -11.28 -39.38 33.71
CA LYS B 72 -11.81 -40.00 34.93
C LYS B 72 -12.15 -38.96 35.98
N MET B 73 -11.41 -37.85 36.03
CA MET B 73 -11.80 -36.80 36.97
C MET B 73 -12.98 -35.99 36.46
N ALA B 74 -13.10 -35.82 35.13
CA ALA B 74 -14.28 -35.14 34.57
C ALA B 74 -15.56 -35.91 34.90
N ALA B 75 -15.50 -37.23 34.85
CA ALA B 75 -16.68 -38.04 35.17
C ALA B 75 -17.10 -37.84 36.61
N ALA B 76 -16.14 -37.87 37.54
CA ALA B 76 -16.46 -37.56 38.94
C ALA B 76 -17.03 -36.17 39.08
N LYS B 77 -16.52 -35.21 38.29
CA LYS B 77 -16.98 -33.83 38.37
C LYS B 77 -18.45 -33.71 38.01
N GLY B 78 -18.90 -34.48 37.02
CA GLY B 78 -20.29 -34.48 36.60
C GLY B 78 -20.58 -33.87 35.24
N PHE B 79 -19.57 -33.60 34.43
CA PHE B 79 -19.80 -33.15 33.06
C PHE B 79 -20.68 -34.15 32.32
N ALA B 80 -21.50 -33.63 31.41
CA ALA B 80 -22.29 -34.51 30.58
C ALA B 80 -21.43 -35.21 29.53
N ARG B 81 -20.46 -34.48 28.96
CA ARG B 81 -19.72 -34.97 27.81
C ARG B 81 -18.33 -34.35 27.81
N VAL B 82 -17.37 -35.11 27.30
CA VAL B 82 -16.01 -34.61 27.08
C VAL B 82 -15.66 -34.90 25.64
N LYS B 83 -15.57 -33.84 24.82
CA LYS B 83 -15.09 -33.98 23.45
C LYS B 83 -13.57 -34.06 23.49
N VAL B 84 -13.02 -35.24 23.24
CA VAL B 84 -11.59 -35.48 23.30
C VAL B 84 -11.12 -35.86 21.91
N GLY B 85 -9.92 -35.40 21.54
CA GLY B 85 -9.44 -35.65 20.21
C GLY B 85 -9.10 -37.12 20.00
N GLN B 86 -9.18 -37.56 18.75
CA GLN B 86 -8.76 -38.90 18.39
C GLN B 86 -7.29 -39.09 18.78
N ASN B 87 -7.01 -40.15 19.52
CA ASN B 87 -5.66 -40.45 20.01
C ASN B 87 -5.13 -39.33 20.90
N GLY B 88 -6.03 -38.60 21.55
CA GLY B 88 -5.63 -37.53 22.45
C GLY B 88 -5.06 -36.31 21.78
N ILE B 89 -5.32 -36.12 20.49
CA ILE B 89 -4.71 -35.06 19.70
C ILE B 89 -5.69 -33.92 19.53
N LEU B 90 -5.26 -32.72 19.87
CA LEU B 90 -6.03 -31.51 19.61
C LEU B 90 -5.07 -30.33 19.66
N SER B 91 -5.06 -29.53 18.60
CA SER B 91 -4.21 -28.35 18.64
C SER B 91 -4.89 -27.25 19.45
N THR B 92 -4.11 -26.23 19.80
CA THR B 92 -4.70 -25.12 20.56
C THR B 92 -5.71 -24.35 19.72
N PRO B 93 -5.43 -23.98 18.46
CA PRO B 93 -6.50 -23.32 17.67
C PRO B 93 -7.72 -24.21 17.48
N ALA B 94 -7.51 -25.51 17.27
CA ALA B 94 -8.63 -26.43 17.11
C ALA B 94 -9.50 -26.47 18.36
N ALA B 95 -8.87 -26.60 19.53
CA ALA B 95 -9.63 -26.62 20.78
C ALA B 95 -10.44 -25.34 20.94
N SER B 96 -9.84 -24.19 20.63
CA SER B 96 -10.55 -22.93 20.73
C SER B 96 -11.75 -22.92 19.78
N CYS B 97 -11.54 -23.40 18.55
CA CYS B 97 -12.66 -23.56 17.63
C CYS B 97 -13.74 -24.46 18.23
N VAL B 98 -13.35 -25.66 18.68
CA VAL B 98 -14.32 -26.64 19.18
C VAL B 98 -15.06 -26.10 20.40
N ILE B 99 -14.35 -25.46 21.33
CA ILE B 99 -15.02 -24.89 22.50
C ILE B 99 -16.09 -23.91 22.04
N ARG B 100 -15.74 -23.01 21.12
CA ARG B 100 -16.66 -21.97 20.70
C ARG B 100 -17.86 -22.54 19.93
N LYS B 101 -17.63 -23.56 19.09
CA LYS B 101 -18.69 -24.08 18.24
C LYS B 101 -19.81 -24.75 19.05
N TYR B 102 -19.46 -25.56 20.05
CA TYR B 102 -20.47 -26.37 20.75
C TYR B 102 -20.86 -25.81 22.10
N GLY B 103 -20.43 -24.58 22.42
CA GLY B 103 -20.79 -23.97 23.68
C GLY B 103 -20.26 -24.68 24.90
N ALA B 104 -19.06 -25.26 24.80
CA ALA B 104 -18.47 -25.98 25.92
C ALA B 104 -18.12 -25.00 27.05
N VAL B 105 -18.06 -25.53 28.27
CA VAL B 105 -17.69 -24.71 29.41
C VAL B 105 -16.22 -24.28 29.34
N GLY B 106 -15.43 -24.98 28.54
CA GLY B 106 -14.01 -24.68 28.41
C GLY B 106 -13.28 -25.90 27.90
N GLY B 107 -11.96 -25.88 28.04
CA GLY B 107 -11.15 -26.99 27.59
C GLY B 107 -9.84 -27.05 28.32
N ILE B 108 -9.22 -28.23 28.25
CA ILE B 108 -7.90 -28.45 28.82
C ILE B 108 -7.01 -28.91 27.69
N ILE B 109 -5.97 -28.13 27.39
CA ILE B 109 -5.06 -28.40 26.28
C ILE B 109 -3.71 -28.79 26.86
N LEU B 110 -3.26 -29.99 26.50
CA LEU B 110 -1.99 -30.52 26.97
C LEU B 110 -0.93 -30.29 25.88
N SER B 111 -0.22 -29.17 25.97
CA SER B 111 0.79 -28.85 24.96
C SER B 111 1.87 -27.98 25.59
N ALA B 112 3.06 -28.06 24.99
CA ALA B 112 4.16 -27.17 25.33
C ALA B 112 4.77 -26.57 24.07
N GLY B 121 11.46 -29.25 26.49
CA GLY B 121 11.09 -30.59 26.88
C GLY B 121 10.09 -30.66 28.04
N ASP B 122 9.47 -29.53 28.34
CA ASP B 122 8.55 -29.43 29.47
C ASP B 122 7.20 -30.04 29.14
N PHE B 123 6.39 -30.23 30.18
CA PHE B 123 5.01 -30.68 30.06
C PHE B 123 4.09 -29.53 30.44
N GLY B 124 2.98 -29.38 29.72
CA GLY B 124 2.10 -28.24 29.92
C GLY B 124 0.64 -28.63 30.01
N VAL B 125 -0.07 -27.94 30.90
CA VAL B 125 -1.53 -28.06 31.05
C VAL B 125 -2.12 -26.66 30.98
N LYS B 126 -2.97 -26.42 29.99
CA LYS B 126 -3.57 -25.12 29.74
C LYS B 126 -5.07 -25.20 29.93
N PHE B 127 -5.65 -24.15 30.52
CA PHE B 127 -7.09 -24.08 30.73
C PHE B 127 -7.67 -22.92 29.91
N ASN B 128 -8.62 -23.24 29.03
CA ASN B 128 -9.36 -22.25 28.27
C ASN B 128 -10.80 -22.22 28.75
N ILE B 129 -11.40 -21.03 28.78
CA ILE B 129 -12.74 -20.86 29.33
C ILE B 129 -13.77 -20.83 28.19
N ALA B 130 -14.98 -20.36 28.50
CA ALA B 130 -16.12 -20.61 27.62
C ALA B 130 -16.01 -19.89 26.29
N ASN B 131 -15.34 -18.74 26.25
CA ASN B 131 -15.21 -18.03 25.00
C ASN B 131 -14.14 -18.62 24.09
N GLY B 132 -13.50 -19.72 24.49
CA GLY B 132 -12.48 -20.36 23.70
C GLY B 132 -11.07 -19.82 23.90
N GLY B 133 -10.89 -18.84 24.78
CA GLY B 133 -9.59 -18.23 24.97
C GLY B 133 -8.94 -18.62 26.29
N PRO B 134 -7.71 -18.16 26.51
CA PRO B 134 -7.00 -18.52 27.74
C PRO B 134 -7.71 -17.98 28.98
N ALA B 135 -7.43 -18.60 30.11
CA ALA B 135 -8.07 -18.21 31.35
C ALA B 135 -7.52 -16.87 31.83
N PRO B 136 -8.36 -15.91 32.17
CA PRO B 136 -7.85 -14.63 32.70
C PRO B 136 -7.15 -14.82 34.06
N GLU B 137 -6.18 -13.96 34.37
CA GLU B 137 -5.54 -14.04 35.68
C GLU B 137 -6.46 -14.26 36.90
N LYS B 138 -7.62 -13.61 36.95
CA LYS B 138 -8.48 -13.81 38.11
C LYS B 138 -8.84 -15.29 38.29
N VAL B 139 -8.95 -16.05 37.19
CA VAL B 139 -9.20 -17.49 37.29
C VAL B 139 -7.90 -18.24 37.62
N THR B 140 -6.82 -17.87 36.95
CA THR B 140 -5.53 -18.52 37.18
C THR B 140 -5.06 -18.38 38.62
N ASN B 141 -5.26 -17.21 39.22
CA ASN B 141 -4.90 -17.03 40.62
C ASN B 141 -5.78 -17.88 41.52
N ALA B 142 -7.07 -17.98 41.20
CA ALA B 142 -7.97 -18.84 41.96
C ALA B 142 -7.53 -20.29 41.91
N ILE B 143 -7.05 -20.74 40.75
CA ILE B 143 -6.56 -22.11 40.63
C ILE B 143 -5.32 -22.30 41.50
N TYR B 144 -4.38 -21.35 41.45
CA TYR B 144 -3.18 -21.47 42.26
C TYR B 144 -3.51 -21.48 43.74
N GLU B 145 -4.42 -20.61 44.18
CA GLU B 145 -4.74 -20.57 45.60
C GLU B 145 -5.42 -21.85 46.05
N ARG B 146 -6.33 -22.38 45.24
CA ARG B 146 -6.97 -23.64 45.59
C ARG B 146 -5.96 -24.78 45.65
N SER B 147 -4.95 -24.75 44.77
CA SER B 147 -3.96 -25.82 44.73
C SER B 147 -3.14 -25.90 46.01
N LEU B 148 -3.12 -24.83 46.81
CA LEU B 148 -2.39 -24.79 48.06
C LEU B 148 -3.23 -25.20 49.26
N ALA B 149 -4.53 -25.33 49.09
CA ALA B 149 -5.40 -25.59 50.25
C ALA B 149 -6.17 -26.90 50.12
N LEU B 150 -5.83 -27.73 49.15
CA LEU B 150 -6.67 -28.92 48.90
C LEU B 150 -6.24 -30.09 49.79
N THR B 151 -7.21 -30.81 50.33
CA THR B 151 -6.94 -31.94 51.25
C THR B 151 -7.33 -33.24 50.56
N HIS B 152 -7.99 -33.14 49.40
CA HIS B 152 -8.51 -34.33 48.72
C HIS B 152 -8.95 -33.94 47.31
N TYR B 153 -9.23 -34.96 46.50
CA TYR B 153 -9.79 -34.76 45.17
C TYR B 153 -10.68 -35.95 44.83
N SER B 154 -11.55 -35.76 43.83
CA SER B 154 -12.47 -36.79 43.39
C SER B 154 -12.07 -37.31 42.02
N ILE B 155 -12.34 -38.59 41.79
CA ILE B 155 -12.00 -39.24 40.53
C ILE B 155 -12.91 -40.47 40.41
N TYR B 156 -13.16 -40.89 39.18
CA TYR B 156 -13.95 -42.06 38.87
C TYR B 156 -12.97 -43.17 38.50
N THR B 157 -12.88 -44.20 39.33
CA THR B 157 -11.96 -45.29 39.05
C THR B 157 -12.62 -46.22 38.04
N ALA B 158 -11.93 -46.45 36.93
CA ALA B 158 -12.39 -47.31 35.85
C ALA B 158 -11.20 -47.59 34.94
N PRO B 159 -11.29 -48.60 34.09
CA PRO B 159 -10.22 -48.81 33.11
C PRO B 159 -10.21 -47.70 32.07
N ASP B 160 -9.07 -47.58 31.40
CA ASP B 160 -8.89 -46.52 30.42
C ASP B 160 -9.87 -46.67 29.28
N VAL B 161 -10.33 -45.54 28.75
CA VAL B 161 -11.20 -45.48 27.58
C VAL B 161 -10.33 -45.40 26.33
N ASN B 162 -10.60 -46.26 25.35
CA ASN B 162 -9.81 -46.28 24.12
C ASN B 162 -10.15 -45.06 23.26
N LEU B 163 -9.12 -44.42 22.71
CA LEU B 163 -9.30 -43.21 21.91
C LEU B 163 -8.88 -43.39 20.46
N HIS B 164 -8.56 -44.61 20.04
CA HIS B 164 -8.20 -44.86 18.65
C HIS B 164 -9.32 -44.68 17.62
N THR B 165 -10.60 -44.96 17.93
CA THR B 165 -11.62 -44.82 16.90
C THR B 165 -12.70 -43.83 17.34
N LEU B 166 -13.32 -43.19 16.36
CA LEU B 166 -14.32 -42.17 16.65
C LEU B 166 -15.61 -42.79 17.19
N GLY B 167 -16.33 -42.02 18.00
CA GLY B 167 -17.62 -42.41 18.50
C GLY B 167 -17.85 -41.90 19.91
N GLU B 168 -18.94 -42.36 20.51
CA GLU B 168 -19.28 -42.07 21.90
C GLU B 168 -19.06 -43.31 22.75
N PHE B 169 -18.56 -43.13 23.97
CA PHE B 169 -18.23 -44.24 24.85
C PHE B 169 -18.59 -43.85 26.28
N PRO B 170 -19.23 -44.73 27.04
CA PRO B 170 -19.66 -44.36 28.38
C PRO B 170 -18.51 -44.44 29.38
N LEU B 171 -18.58 -43.55 30.36
CA LEU B 171 -17.64 -43.53 31.50
C LEU B 171 -18.44 -43.00 32.69
N GLY B 172 -19.09 -43.89 33.41
CA GLY B 172 -19.99 -43.43 34.47
C GLY B 172 -21.27 -42.94 33.84
N GLU B 173 -21.66 -41.71 34.13
CA GLU B 173 -22.87 -41.13 33.49
C GLU B 173 -22.41 -40.09 32.48
N MET B 174 -21.15 -40.14 32.06
CA MET B 174 -20.61 -39.10 31.17
C MET B 174 -20.31 -39.68 29.79
N ILE B 175 -20.63 -38.94 28.74
CA ILE B 175 -20.25 -39.39 27.39
C ILE B 175 -18.79 -38.99 27.15
N VAL B 176 -17.99 -39.92 26.61
CA VAL B 176 -16.66 -39.60 26.10
C VAL B 176 -16.76 -39.61 24.58
N GLU B 177 -16.93 -38.44 23.97
CA GLU B 177 -17.05 -38.32 22.52
C GLU B 177 -15.67 -38.11 21.92
N VAL B 178 -15.18 -39.11 21.17
CA VAL B 178 -13.89 -39.03 20.50
C VAL B 178 -14.11 -38.40 19.13
N ILE B 179 -13.67 -37.16 18.97
CA ILE B 179 -13.93 -36.39 17.77
C ILE B 179 -12.73 -36.45 16.85
N ASP B 180 -12.96 -36.14 15.58
CA ASP B 180 -11.85 -36.01 14.62
C ASP B 180 -11.11 -34.71 14.92
N PRO B 181 -9.81 -34.76 15.18
CA PRO B 181 -9.10 -33.52 15.58
C PRO B 181 -9.20 -32.39 14.58
N VAL B 182 -9.29 -32.67 13.28
CA VAL B 182 -9.16 -31.64 12.26
C VAL B 182 -10.50 -31.20 11.66
N ALA B 183 -11.53 -32.04 11.71
CA ALA B 183 -12.74 -31.82 10.91
C ALA B 183 -13.37 -30.45 11.19
N ASP B 184 -13.74 -30.19 12.45
CA ASP B 184 -14.37 -28.91 12.77
C ASP B 184 -13.47 -27.74 12.44
N TYR B 185 -12.17 -27.87 12.73
CA TYR B 185 -11.24 -26.75 12.58
C TYR B 185 -10.97 -26.45 11.11
N GLN B 186 -10.85 -27.49 10.28
CA GLN B 186 -10.65 -27.28 8.84
C GLN B 186 -11.88 -26.66 8.19
N ALA B 187 -13.07 -26.98 8.69
CA ALA B 187 -14.27 -26.36 8.16
C ALA B 187 -14.26 -24.86 8.41
N LEU B 188 -13.78 -24.44 9.58
CA LEU B 188 -13.69 -23.01 9.86
C LEU B 188 -12.73 -22.34 8.90
N LEU B 189 -11.54 -22.92 8.71
CA LEU B 189 -10.58 -22.35 7.76
C LEU B 189 -11.15 -22.30 6.34
N GLU B 190 -12.03 -23.24 5.98
CA GLU B 190 -12.58 -23.23 4.63
C GLU B 190 -13.61 -22.12 4.43
N THR B 191 -14.18 -21.58 5.50
CA THR B 191 -15.05 -20.42 5.39
C THR B 191 -14.28 -19.12 5.29
N LEU B 192 -12.97 -19.14 5.57
CA LEU B 192 -12.17 -17.93 5.57
C LEU B 192 -11.33 -17.77 4.30
N PHE B 193 -10.96 -18.86 3.65
CA PHE B 193 -10.05 -18.83 2.52
C PHE B 193 -10.62 -19.63 1.35
N ASP B 194 -10.22 -19.21 0.16
CA ASP B 194 -10.57 -19.93 -1.07
C ASP B 194 -9.62 -21.11 -1.19
N PHE B 195 -10.08 -22.28 -0.76
CA PHE B 195 -9.24 -23.47 -0.83
C PHE B 195 -8.95 -23.86 -2.27
N ASP B 196 -9.88 -23.55 -3.18
CA ASP B 196 -9.67 -23.85 -4.61
C ASP B 196 -8.46 -23.08 -5.16
N ARG B 197 -8.40 -21.77 -4.91
CA ARG B 197 -7.29 -20.98 -5.43
C ARG B 197 -5.97 -21.32 -4.74
N ILE B 198 -6.02 -21.76 -3.49
CA ILE B 198 -4.78 -22.11 -2.80
C ILE B 198 -4.18 -23.36 -3.41
N ALA B 199 -5.02 -24.36 -3.71
CA ALA B 199 -4.52 -25.57 -4.35
C ALA B 199 -3.92 -25.26 -5.71
N GLU B 200 -4.42 -24.21 -6.37
CA GLU B 200 -3.89 -23.83 -7.68
C GLU B 200 -2.46 -23.30 -7.56
N VAL B 201 -2.22 -22.35 -6.68
CA VAL B 201 -0.88 -21.78 -6.57
C VAL B 201 0.13 -22.78 -6.03
N ILE B 202 -0.33 -23.81 -5.31
CA ILE B 202 0.58 -24.87 -4.88
C ILE B 202 0.92 -25.77 -6.06
N ARG B 203 -0.08 -26.10 -6.88
CA ARG B 203 0.14 -26.97 -8.03
C ARG B 203 1.16 -26.37 -9.00
N THR B 204 0.96 -25.10 -9.40
CA THR B 204 1.94 -24.43 -10.25
C THR B 204 3.31 -24.36 -9.58
N GLY B 205 3.34 -24.32 -8.24
CA GLY B 205 4.58 -24.48 -7.51
C GLY B 205 5.65 -23.47 -7.82
N LYS B 206 5.27 -22.25 -8.17
CA LYS B 206 6.26 -21.22 -8.49
C LYS B 206 6.63 -20.35 -7.31
N LEU B 207 5.80 -20.29 -6.27
CA LEU B 207 6.00 -19.38 -5.16
C LEU B 207 6.32 -20.14 -3.88
N ARG B 208 7.20 -19.58 -3.06
CA ARG B 208 7.50 -20.19 -1.78
C ARG B 208 6.31 -20.06 -0.84
N LEU B 209 6.32 -20.90 0.18
CA LEU B 209 5.30 -20.86 1.21
C LEU B 209 5.75 -19.99 2.36
N VAL B 210 4.84 -19.16 2.86
CA VAL B 210 5.16 -18.11 3.83
C VAL B 210 4.51 -18.46 5.17
N PHE B 211 5.23 -18.18 6.26
CA PHE B 211 4.73 -18.43 7.61
C PHE B 211 5.31 -17.40 8.57
N ASP B 212 4.62 -17.20 9.70
CA ASP B 212 4.98 -16.16 10.66
C ASP B 212 5.03 -16.63 12.10
N ALA B 213 4.76 -17.91 12.35
CA ALA B 213 4.86 -18.48 13.69
C ALA B 213 5.68 -19.76 13.58
N MET B 214 6.66 -19.90 14.46
CA MET B 214 7.47 -21.12 14.47
C MET B 214 6.56 -22.33 14.65
N HIS B 215 6.83 -23.38 13.87
CA HIS B 215 6.15 -24.69 13.88
C HIS B 215 4.81 -24.69 13.17
N ALA B 216 4.47 -23.60 12.46
CA ALA B 216 3.18 -23.55 11.80
C ALA B 216 3.09 -24.55 10.65
N VAL B 217 4.21 -24.87 10.02
CA VAL B 217 4.25 -25.75 8.86
C VAL B 217 4.80 -27.11 9.28
N THR B 218 4.41 -27.58 10.47
CA THR B 218 4.80 -28.89 10.96
C THR B 218 3.62 -29.52 11.70
N GLY B 219 3.65 -30.85 11.79
CA GLY B 219 2.66 -31.56 12.56
C GLY B 219 1.46 -32.06 11.77
N PRO B 220 0.59 -32.81 12.44
CA PRO B 220 -0.49 -33.50 11.72
C PRO B 220 -1.58 -32.57 11.20
N TYR B 221 -1.70 -31.35 11.72
CA TYR B 221 -2.69 -30.44 11.18
C TYR B 221 -2.24 -29.86 9.84
N ALA B 222 -1.00 -29.36 9.78
CA ALA B 222 -0.43 -28.96 8.51
C ALA B 222 -0.32 -30.14 7.55
N GLN B 223 -0.21 -31.36 8.08
CA GLN B 223 -0.21 -32.56 7.24
C GLN B 223 -1.53 -32.70 6.50
N GLN B 224 -2.64 -32.79 7.23
CA GLN B 224 -3.91 -33.07 6.56
C GLN B 224 -4.33 -31.93 5.65
N ILE B 225 -4.12 -30.68 6.06
CA ILE B 225 -4.64 -29.54 5.32
C ILE B 225 -3.74 -29.20 4.13
N LEU B 226 -2.43 -29.14 4.35
CA LEU B 226 -1.57 -28.69 3.25
C LEU B 226 -1.31 -29.81 2.24
N GLU B 227 -0.95 -31.00 2.72
CA GLU B 227 -0.57 -32.08 1.81
C GLU B 227 -1.77 -32.91 1.33
N LYS B 228 -2.54 -33.49 2.26
CA LYS B 228 -3.62 -34.41 1.87
C LYS B 228 -4.79 -33.68 1.22
N CYS B 229 -5.14 -32.50 1.71
CA CYS B 229 -6.31 -31.80 1.19
C CYS B 229 -5.95 -30.88 0.03
N LEU B 230 -5.01 -29.95 0.25
CA LEU B 230 -4.64 -28.95 -0.74
C LEU B 230 -3.61 -29.44 -1.76
N GLY B 231 -3.16 -30.69 -1.66
CA GLY B 231 -2.33 -31.27 -2.69
C GLY B 231 -0.88 -30.85 -2.72
N ALA B 232 -0.32 -30.42 -1.59
CA ALA B 232 1.09 -30.10 -1.57
C ALA B 232 1.92 -31.38 -1.72
N PRO B 233 3.14 -31.27 -2.23
CA PRO B 233 3.97 -32.46 -2.39
C PRO B 233 4.26 -33.09 -1.04
N PRO B 234 4.40 -34.42 -1.00
CA PRO B 234 4.87 -35.07 0.24
C PRO B 234 6.27 -34.58 0.59
N GLY B 235 6.51 -34.40 1.89
CA GLY B 235 7.73 -33.79 2.36
C GLY B 235 7.65 -32.30 2.57
N THR B 236 6.58 -31.65 2.14
CA THR B 236 6.40 -30.23 2.39
C THR B 236 6.33 -29.94 3.88
N VAL B 237 5.56 -30.76 4.61
CA VAL B 237 5.38 -30.59 6.05
C VAL B 237 6.37 -31.50 6.77
N GLN B 238 7.10 -30.92 7.71
CA GLN B 238 7.95 -31.67 8.63
C GLN B 238 7.11 -32.29 9.73
N ASN B 239 7.49 -33.49 10.17
CA ASN B 239 6.75 -34.14 11.26
C ASN B 239 7.61 -34.33 12.51
N PRO B 253 17.90 -25.71 8.65
CA PRO B 253 16.95 -24.62 8.95
C PRO B 253 15.70 -24.69 8.09
N ASN B 254 15.87 -24.96 6.78
CA ASN B 254 14.74 -25.04 5.83
C ASN B 254 13.91 -23.76 5.85
N LEU B 255 14.59 -22.63 5.99
CA LEU B 255 13.91 -21.34 5.96
C LEU B 255 14.82 -20.29 5.33
N VAL B 256 14.19 -19.41 4.55
CA VAL B 256 14.78 -18.15 4.13
C VAL B 256 13.96 -17.04 4.77
N TYR B 257 14.63 -15.95 5.11
CA TYR B 257 13.97 -14.83 5.76
C TYR B 257 13.49 -13.84 4.70
N ALA B 258 12.24 -13.40 4.82
CA ALA B 258 11.67 -12.49 3.84
C ALA B 258 12.55 -11.27 3.63
N HIS B 259 13.18 -10.77 4.70
CA HIS B 259 14.06 -9.62 4.52
C HIS B 259 15.28 -9.96 3.67
N ASP B 260 15.73 -11.23 3.71
CA ASP B 260 16.82 -11.65 2.84
C ASP B 260 16.38 -11.70 1.39
N LEU B 261 15.21 -12.29 1.11
CA LEU B 261 14.71 -12.37 -0.26
C LEU B 261 14.51 -11.00 -0.89
N VAL B 262 14.38 -9.95 -0.08
CA VAL B 262 14.21 -8.60 -0.63
C VAL B 262 15.56 -7.98 -0.93
N GLN B 263 16.56 -8.23 -0.08
CA GLN B 263 17.92 -7.77 -0.37
C GLN B 263 18.45 -8.42 -1.64
N GLN B 264 18.20 -9.73 -1.83
CA GLN B 264 18.59 -10.52 -3.01
C GLN B 264 17.73 -10.22 -4.21
N LEU B 265 16.90 -9.20 -4.06
CA LEU B 265 16.13 -8.64 -5.16
C LEU B 265 16.75 -7.37 -5.71
N PHE B 266 17.51 -6.65 -4.89
CA PHE B 266 18.28 -5.49 -5.32
C PHE B 266 19.68 -5.93 -5.75
N ASP B 282 12.12 -24.24 -12.41
CA ASP B 282 11.35 -25.36 -12.95
C ASP B 282 10.74 -26.22 -11.84
N ARG B 283 11.51 -26.42 -10.77
CA ARG B 283 11.10 -27.31 -9.69
C ARG B 283 10.16 -26.61 -8.71
N ASN B 284 9.22 -27.38 -8.18
CA ASN B 284 8.24 -26.92 -7.20
C ASN B 284 8.91 -26.17 -6.05
N MET B 285 8.42 -24.95 -5.79
CA MET B 285 8.96 -24.10 -4.74
C MET B 285 8.31 -24.34 -3.39
N ILE B 286 7.07 -24.84 -3.37
CA ILE B 286 6.38 -25.13 -2.12
C ILE B 286 7.21 -26.08 -1.27
N LEU B 287 7.70 -27.15 -1.88
CA LEU B 287 8.43 -28.18 -1.14
C LEU B 287 9.73 -27.64 -0.55
N GLY B 288 10.32 -26.64 -1.20
CA GLY B 288 11.57 -26.09 -0.73
C GLY B 288 11.43 -25.26 0.54
N ALA B 289 12.38 -24.36 0.75
CA ALA B 289 12.42 -23.56 1.95
C ALA B 289 11.12 -22.79 2.15
N ASN B 290 10.82 -22.50 3.41
CA ASN B 290 9.66 -21.70 3.78
C ASN B 290 10.13 -20.31 4.16
N CYS B 291 9.38 -19.28 3.74
CA CYS B 291 9.79 -17.90 3.97
C CYS B 291 9.17 -17.37 5.26
N PHE B 292 10.03 -17.00 6.21
CA PHE B 292 9.58 -16.45 7.47
C PHE B 292 9.41 -14.95 7.35
N VAL B 293 8.22 -14.47 7.68
CA VAL B 293 7.94 -13.05 7.86
C VAL B 293 7.69 -12.84 9.34
N THR B 294 8.24 -11.75 9.90
CA THR B 294 8.07 -11.53 11.33
C THR B 294 6.61 -11.23 11.63
N PRO B 295 6.12 -11.66 12.80
CA PRO B 295 4.72 -11.38 13.15
C PRO B 295 4.35 -9.90 13.05
N SER B 296 5.27 -8.99 13.38
CA SER B 296 5.00 -7.57 13.29
C SER B 296 4.65 -7.15 11.87
N ASP B 297 5.49 -7.55 10.91
CA ASP B 297 5.23 -7.20 9.52
C ASP B 297 4.11 -8.04 8.94
N SER B 298 4.06 -9.33 9.27
CA SER B 298 3.01 -10.19 8.75
C SER B 298 1.62 -9.67 9.11
N LEU B 299 1.44 -9.18 10.34
CA LEU B 299 0.14 -8.65 10.73
C LEU B 299 -0.24 -7.46 9.86
N ALA B 300 0.70 -6.58 9.57
CA ALA B 300 0.45 -5.44 8.70
C ALA B 300 0.08 -5.89 7.29
N ILE B 301 0.91 -6.75 6.70
CA ILE B 301 0.68 -7.21 5.32
C ILE B 301 -0.67 -7.91 5.22
N LEU B 302 -0.92 -8.88 6.09
CA LEU B 302 -2.20 -9.59 6.05
C LEU B 302 -3.37 -8.61 6.12
N ALA B 303 -3.27 -7.59 6.97
CA ALA B 303 -4.35 -6.62 7.09
C ALA B 303 -4.48 -5.77 5.82
N ALA B 304 -3.35 -5.42 5.21
CA ALA B 304 -3.40 -4.62 3.99
C ALA B 304 -3.97 -5.40 2.80
N ASN B 305 -3.84 -6.72 2.80
CA ASN B 305 -4.37 -7.55 1.72
C ASN B 305 -5.56 -8.40 2.18
N ALA B 306 -6.22 -8.00 3.26
CA ALA B 306 -7.29 -8.81 3.82
C ALA B 306 -8.48 -8.95 2.88
N GLN B 307 -8.79 -7.92 2.12
CA GLN B 307 -10.01 -7.97 1.32
C GLN B 307 -9.88 -8.85 0.08
N LEU B 308 -8.73 -9.49 -0.13
CA LEU B 308 -8.56 -10.45 -1.21
C LEU B 308 -9.07 -11.85 -0.84
N VAL B 309 -9.49 -12.08 0.40
CA VAL B 309 -9.84 -13.42 0.84
C VAL B 309 -11.32 -13.44 1.22
N PRO B 310 -12.02 -14.56 1.03
CA PRO B 310 -13.45 -14.61 1.36
C PRO B 310 -13.78 -14.18 2.78
N GLY B 311 -13.00 -14.62 3.76
CA GLY B 311 -13.36 -14.42 5.15
C GLY B 311 -13.26 -12.99 5.65
N TYR B 312 -12.64 -12.09 4.88
CA TYR B 312 -12.47 -10.72 5.33
C TYR B 312 -12.74 -9.72 4.21
N ARG B 313 -13.72 -10.01 3.34
CA ARG B 313 -13.96 -9.14 2.19
C ARG B 313 -14.70 -7.88 2.56
N ASP B 314 -15.67 -7.97 3.48
CA ASP B 314 -16.44 -6.80 3.88
C ASP B 314 -15.63 -5.77 4.66
N GLY B 315 -14.38 -6.07 4.99
CA GLY B 315 -13.50 -5.15 5.69
C GLY B 315 -13.20 -5.60 7.11
N LEU B 316 -12.19 -4.97 7.69
CA LEU B 316 -11.79 -5.22 9.07
C LEU B 316 -12.48 -4.25 10.02
N ALA B 317 -12.92 -4.77 11.17
CA ALA B 317 -13.45 -3.91 12.23
C ALA B 317 -12.35 -3.09 12.88
N GLY B 318 -11.13 -3.64 12.93
CA GLY B 318 -10.03 -3.00 13.60
C GLY B 318 -8.85 -3.96 13.67
N ILE B 319 -7.78 -3.49 14.29
CA ILE B 319 -6.56 -4.26 14.44
C ILE B 319 -6.08 -4.09 15.88
N ALA B 320 -5.47 -5.14 16.42
CA ALA B 320 -4.82 -5.04 17.72
C ALA B 320 -3.45 -5.71 17.68
N ARG B 321 -2.50 -5.13 18.40
CA ARG B 321 -1.20 -5.74 18.59
C ARG B 321 -0.76 -5.50 20.02
N SER B 322 0.08 -6.39 20.54
CA SER B 322 0.70 -6.12 21.82
C SER B 322 1.55 -4.86 21.69
N MET B 323 1.69 -4.13 22.81
CA MET B 323 2.39 -2.86 22.75
C MET B 323 3.82 -2.97 22.20
N PRO B 324 4.63 -3.96 22.57
CA PRO B 324 6.01 -4.02 22.03
C PRO B 324 6.09 -4.46 20.57
N THR B 325 5.00 -4.94 19.98
CA THR B 325 4.99 -5.23 18.54
C THR B 325 5.28 -3.96 17.75
N SER B 326 5.88 -4.12 16.56
CA SER B 326 6.22 -2.93 15.79
C SER B 326 4.93 -2.27 15.28
N GLN B 327 5.06 -1.01 14.90
CA GLN B 327 3.92 -0.23 14.46
C GLN B 327 3.58 -0.44 12.99
N ALA B 328 4.11 -1.48 12.34
CA ALA B 328 3.81 -1.70 10.93
C ALA B 328 2.31 -1.75 10.67
N ALA B 329 1.57 -2.44 11.52
CA ALA B 329 0.12 -2.52 11.34
C ALA B 329 -0.57 -1.18 11.58
N ASP B 330 0.00 -0.33 12.44
CA ASP B 330 -0.55 1.01 12.66
C ASP B 330 -0.68 1.77 11.35
N ARG B 331 0.38 1.75 10.53
CA ARG B 331 0.38 2.48 9.27
C ARG B 331 -0.72 1.98 8.36
N VAL B 332 -0.96 0.66 8.35
CA VAL B 332 -2.02 0.13 7.48
C VAL B 332 -3.39 0.55 7.99
N ALA B 333 -3.64 0.38 9.28
CA ALA B 333 -4.94 0.76 9.84
C ALA B 333 -5.25 2.23 9.57
N ALA B 334 -4.22 3.09 9.59
CA ALA B 334 -4.44 4.51 9.37
C ALA B 334 -4.97 4.77 7.96
N LYS B 335 -4.40 4.09 6.96
CA LYS B 335 -4.86 4.26 5.58
C LYS B 335 -6.24 3.64 5.36
N LEU B 336 -6.56 2.57 6.08
CA LEU B 336 -7.90 2.00 5.98
C LEU B 336 -8.94 2.73 6.83
N GLY B 337 -8.52 3.63 7.72
CA GLY B 337 -9.45 4.32 8.59
C GLY B 337 -10.15 3.43 9.59
N ILE B 338 -9.40 2.54 10.25
CA ILE B 338 -9.92 1.65 11.29
C ILE B 338 -9.04 1.82 12.52
N ASP B 339 -9.62 1.49 13.68
CA ASP B 339 -8.89 1.65 14.94
C ASP B 339 -7.76 0.64 15.03
N CYS B 340 -6.73 1.02 15.80
CA CYS B 340 -5.60 0.14 16.08
C CYS B 340 -5.32 0.17 17.56
N TYR B 341 -5.67 -0.90 18.26
CA TYR B 341 -5.53 -0.99 19.72
C TYR B 341 -4.15 -1.52 20.11
N GLU B 342 -3.58 -0.91 21.14
CA GLU B 342 -2.28 -1.28 21.69
C GLU B 342 -2.54 -1.89 23.07
N THR B 343 -2.44 -3.20 23.17
CA THR B 343 -2.74 -3.92 24.41
C THR B 343 -1.46 -4.38 25.11
N PRO B 344 -1.51 -4.65 26.42
CA PRO B 344 -0.35 -5.24 27.08
C PRO B 344 -0.07 -6.62 26.52
N THR B 345 1.16 -7.08 26.70
CA THR B 345 1.55 -8.37 26.07
C THR B 345 0.59 -9.49 26.49
N GLY B 346 -0.10 -10.10 25.53
CA GLY B 346 -0.99 -11.24 25.84
C GLY B 346 -2.11 -11.40 24.83
N TRP B 347 -2.43 -12.64 24.46
CA TRP B 347 -3.59 -12.90 23.56
C TRP B 347 -4.87 -12.80 24.37
N LYS B 348 -4.73 -12.79 25.70
CA LYS B 348 -5.89 -12.66 26.60
C LYS B 348 -6.51 -11.27 26.42
N PHE B 349 -5.66 -10.26 26.29
CA PHE B 349 -6.14 -8.87 26.15
C PHE B 349 -6.85 -8.69 24.81
N PHE B 350 -6.52 -9.52 23.82
CA PHE B 350 -7.25 -9.46 22.55
C PHE B 350 -8.68 -9.92 22.72
N GLY B 351 -8.92 -10.77 23.73
CA GLY B 351 -10.20 -11.46 23.82
C GLY B 351 -11.38 -10.51 23.92
N ASN B 352 -11.31 -9.53 24.80
CA ASN B 352 -12.41 -8.58 24.94
C ASN B 352 -12.64 -7.80 23.64
N LEU B 353 -11.56 -7.44 22.94
CA LEU B 353 -11.72 -6.65 21.72
C LEU B 353 -12.32 -7.49 20.59
N LEU B 354 -11.95 -8.77 20.49
CA LEU B 354 -12.53 -9.63 19.48
C LEU B 354 -14.00 -9.92 19.77
N ASP B 355 -14.33 -10.16 21.04
CA ASP B 355 -15.71 -10.48 21.40
C ASP B 355 -16.64 -9.31 21.11
N ALA B 356 -16.18 -8.08 21.39
CA ALA B 356 -16.94 -6.87 21.17
C ALA B 356 -16.99 -6.44 19.70
N GLY B 357 -16.35 -7.17 18.79
CA GLY B 357 -16.31 -6.75 17.40
C GLY B 357 -15.55 -5.46 17.14
N LYS B 358 -14.73 -5.02 18.09
CA LYS B 358 -13.89 -3.85 17.84
C LYS B 358 -12.66 -4.19 16.99
N VAL B 359 -12.30 -5.47 16.90
CA VAL B 359 -11.07 -5.92 16.27
C VAL B 359 -11.32 -7.20 15.48
N THR B 360 -10.74 -7.29 14.29
CA THR B 360 -10.82 -8.48 13.44
C THR B 360 -9.51 -9.24 13.37
N LEU B 361 -8.36 -8.56 13.20
CA LEU B 361 -7.05 -9.20 13.15
C LEU B 361 -6.20 -8.72 14.31
N CYS B 362 -5.30 -9.59 14.77
CA CYS B 362 -4.41 -9.26 15.88
C CYS B 362 -3.11 -10.04 15.78
N GLY B 363 -2.06 -9.50 16.42
CA GLY B 363 -0.74 -10.10 16.36
C GLY B 363 0.12 -9.76 17.55
N GLU B 364 1.07 -10.63 17.84
CA GLU B 364 2.00 -10.45 18.96
C GLU B 364 3.41 -10.66 18.46
N GLU B 365 4.30 -9.72 18.78
CA GLU B 365 5.70 -9.82 18.43
C GLU B 365 6.29 -11.17 18.85
N SER B 366 7.09 -11.75 17.96
CA SER B 366 7.79 -13.02 18.19
C SER B 366 6.86 -14.15 18.64
N PHE B 367 5.57 -14.08 18.30
CA PHE B 367 4.66 -15.15 18.67
C PHE B 367 3.78 -15.58 17.49
N GLY B 368 3.09 -14.65 16.84
CA GLY B 368 2.31 -14.98 15.67
C GLY B 368 1.12 -14.04 15.49
N THR B 369 0.20 -14.45 14.61
CA THR B 369 -0.96 -13.65 14.26
C THR B 369 -2.23 -14.49 14.41
N GLY B 370 -3.38 -13.82 14.30
CA GLY B 370 -4.66 -14.50 14.42
C GLY B 370 -5.80 -13.53 14.17
N SER B 371 -7.02 -14.08 14.14
CA SER B 371 -8.21 -13.27 13.93
C SER B 371 -9.28 -13.70 14.92
N ASN B 372 -10.46 -13.12 14.78
CA ASN B 372 -11.56 -13.49 15.65
C ASN B 372 -12.18 -14.83 15.28
N HIS B 373 -11.58 -15.59 14.36
CA HIS B 373 -12.13 -16.92 14.07
C HIS B 373 -11.96 -17.84 15.27
N VAL B 374 -10.86 -17.71 16.02
CA VAL B 374 -10.69 -18.38 17.29
C VAL B 374 -10.29 -17.33 18.32
N ARG B 375 -9.76 -17.76 19.47
CA ARG B 375 -9.28 -16.84 20.48
C ARG B 375 -7.83 -17.11 20.84
N GLU B 376 -7.09 -17.76 19.94
CA GLU B 376 -5.68 -18.06 20.13
C GLU B 376 -4.91 -17.68 18.88
N LYS B 377 -3.59 -17.55 19.04
CA LYS B 377 -2.70 -17.50 17.90
C LYS B 377 -2.93 -18.74 17.02
N ASP B 378 -2.79 -18.54 15.70
CA ASP B 378 -3.04 -19.61 14.74
C ASP B 378 -2.00 -19.53 13.63
N GLY B 379 -1.05 -20.47 13.65
CA GLY B 379 0.00 -20.46 12.63
C GLY B 379 -0.49 -20.92 11.28
N LEU B 380 -1.29 -22.00 11.23
CA LEU B 380 -1.83 -22.44 9.95
C LEU B 380 -2.72 -21.39 9.33
N TRP B 381 -3.56 -20.75 10.14
CA TRP B 381 -4.40 -19.67 9.64
C TRP B 381 -3.57 -18.65 8.87
N ALA B 382 -2.45 -18.20 9.46
CA ALA B 382 -1.58 -17.26 8.77
C ALA B 382 -0.97 -17.87 7.51
N VAL B 383 -0.58 -19.14 7.57
CA VAL B 383 0.02 -19.80 6.40
C VAL B 383 -0.98 -19.84 5.25
N LEU B 384 -2.21 -20.26 5.54
CA LEU B 384 -3.25 -20.29 4.51
C LEU B 384 -3.60 -18.88 4.05
N PHE B 385 -3.69 -17.93 4.98
CA PHE B 385 -4.01 -16.54 4.63
C PHE B 385 -2.94 -15.95 3.72
N TRP B 386 -1.67 -16.29 3.97
CA TRP B 386 -0.62 -15.90 3.04
C TRP B 386 -0.78 -16.62 1.72
N LEU B 387 -1.15 -17.90 1.73
CA LEU B 387 -1.18 -18.65 0.45
C LEU B 387 -2.34 -18.15 -0.42
N ASN B 388 -3.46 -17.78 0.20
CA ASN B 388 -4.60 -17.21 -0.55
C ASN B 388 -4.15 -15.92 -1.21
N ILE B 389 -3.31 -15.18 -0.51
CA ILE B 389 -2.87 -13.88 -1.04
C ILE B 389 -1.93 -14.09 -2.21
N LEU B 390 -0.97 -15.02 -2.06
CA LEU B 390 -0.07 -15.34 -3.15
C LEU B 390 -0.82 -15.82 -4.38
N ALA B 391 -1.95 -16.51 -4.19
CA ALA B 391 -2.69 -17.04 -5.32
C ALA B 391 -3.45 -15.97 -6.08
N VAL B 392 -3.85 -14.90 -5.39
CA VAL B 392 -4.65 -13.84 -6.00
C VAL B 392 -3.76 -12.79 -6.64
N ARG B 393 -2.70 -12.37 -5.95
CA ARG B 393 -1.83 -11.32 -6.46
C ARG B 393 -0.77 -11.85 -7.43
N GLN B 394 -0.52 -13.16 -7.43
CA GLN B 394 0.35 -13.80 -8.42
C GLN B 394 1.72 -13.12 -8.49
N THR B 395 2.41 -13.11 -7.35
CA THR B 395 3.75 -12.53 -7.26
C THR B 395 4.43 -13.07 -6.01
N PRO B 396 5.74 -13.27 -6.03
CA PRO B 396 6.40 -13.94 -4.90
C PRO B 396 6.38 -13.09 -3.65
N VAL B 397 6.73 -13.73 -2.53
CA VAL B 397 6.66 -13.05 -1.24
C VAL B 397 7.57 -11.83 -1.21
N ALA B 398 8.77 -11.95 -1.79
CA ALA B 398 9.72 -10.84 -1.70
C ALA B 398 9.19 -9.59 -2.38
N GLU B 399 8.39 -9.74 -3.44
CA GLU B 399 7.83 -8.56 -4.10
C GLU B 399 6.68 -7.98 -3.28
N ILE B 400 5.87 -8.85 -2.66
CA ILE B 400 4.78 -8.36 -1.81
C ILE B 400 5.34 -7.52 -0.67
N VAL B 401 6.43 -7.97 -0.07
CA VAL B 401 7.00 -7.24 1.06
C VAL B 401 7.65 -5.95 0.58
N LYS B 402 8.40 -6.01 -0.52
CA LYS B 402 9.03 -4.80 -1.05
C LYS B 402 7.97 -3.77 -1.42
N ASP B 403 6.82 -4.23 -1.92
CA ASP B 403 5.74 -3.30 -2.25
C ASP B 403 5.09 -2.73 -0.99
N HIS B 404 4.85 -3.58 0.02
CA HIS B 404 4.30 -3.09 1.28
C HIS B 404 5.16 -1.98 1.86
N TRP B 405 6.48 -2.20 1.90
CA TRP B 405 7.38 -1.17 2.42
C TRP B 405 7.36 0.08 1.55
N ARG B 406 7.29 -0.09 0.23
CA ARG B 406 7.09 1.03 -0.69
C ARG B 406 5.91 1.89 -0.25
N THR B 407 4.77 1.25 -0.01
CA THR B 407 3.51 1.96 0.23
C THR B 407 3.43 2.55 1.63
N TYR B 408 3.84 1.80 2.65
CA TYR B 408 3.64 2.18 4.05
C TYR B 408 4.92 2.57 4.77
N GLY B 409 6.08 2.35 4.15
CA GLY B 409 7.34 2.45 4.84
C GLY B 409 7.69 1.18 5.59
N ARG B 410 8.97 1.03 5.90
CA ARG B 410 9.43 -0.14 6.61
C ARG B 410 9.62 0.19 8.07
N ASN B 411 9.14 -0.69 8.95
CA ASN B 411 9.35 -0.54 10.38
C ASN B 411 10.46 -1.51 10.77
N TYR B 412 11.70 -1.04 10.64
CA TYR B 412 12.85 -1.78 11.15
C TYR B 412 12.62 -2.08 12.62
N TYR B 413 13.01 -3.29 13.04
CA TYR B 413 12.52 -3.80 14.32
C TYR B 413 13.38 -4.97 14.78
N SER B 414 14.03 -4.81 15.94
CA SER B 414 14.78 -5.88 16.59
C SER B 414 14.59 -5.77 18.09
N ARG B 415 14.68 -6.91 18.77
CA ARG B 415 14.66 -6.97 20.22
C ARG B 415 16.03 -7.40 20.75
N HIS B 416 16.49 -6.69 21.78
CA HIS B 416 17.72 -7.02 22.49
C HIS B 416 17.37 -7.50 23.89
N ASP B 417 17.70 -8.75 24.19
CA ASP B 417 17.42 -9.34 25.50
C ASP B 417 18.68 -9.33 26.36
N TYR B 418 18.54 -8.86 27.60
CA TYR B 418 19.61 -8.92 28.60
C TYR B 418 19.15 -9.89 29.68
N GLU B 419 19.51 -11.17 29.53
CA GLU B 419 19.00 -12.22 30.39
C GLU B 419 19.81 -12.33 31.67
N GLY B 420 19.11 -12.57 32.78
CA GLY B 420 19.79 -12.88 34.03
C GLY B 420 20.40 -11.72 34.77
N ILE B 421 19.89 -10.49 34.62
CA ILE B 421 20.26 -9.44 35.54
C ILE B 421 19.74 -9.81 36.91
N GLU B 422 20.51 -9.49 37.95
CA GLU B 422 20.03 -9.83 39.28
C GLU B 422 18.84 -8.95 39.66
N GLY B 423 17.94 -9.53 40.46
CA GLY B 423 16.64 -8.99 40.79
C GLY B 423 16.48 -7.47 40.78
N ASP B 424 16.81 -6.82 41.89
CA ASP B 424 16.54 -5.39 42.00
C ASP B 424 17.61 -4.53 41.33
N ARG B 425 18.52 -5.10 40.52
CA ARG B 425 19.42 -4.17 39.86
C ARG B 425 18.75 -3.61 38.61
N ALA B 426 18.04 -4.49 37.90
CA ALA B 426 17.22 -4.08 36.78
C ALA B 426 16.09 -3.17 37.23
N HIS B 427 15.56 -3.40 38.43
CA HIS B 427 14.52 -2.50 38.93
C HIS B 427 15.06 -1.11 39.19
N THR B 428 16.35 -0.98 39.50
CA THR B 428 16.96 0.34 39.61
C THR B 428 17.03 1.03 38.25
N LEU B 429 17.42 0.28 37.21
CA LEU B 429 17.46 0.82 35.86
C LEU B 429 16.11 1.39 35.45
N MET B 430 15.04 0.60 35.60
CA MET B 430 13.71 1.06 35.21
C MET B 430 13.25 2.26 36.03
N SER B 431 13.61 2.32 37.32
CA SER B 431 13.19 3.44 38.17
C SER B 431 13.93 4.72 37.79
N GLN B 432 15.24 4.62 37.58
CA GLN B 432 16.00 5.80 37.17
C GLN B 432 15.54 6.31 35.82
N LEU B 433 15.09 5.42 34.94
CA LEU B 433 14.60 5.86 33.63
C LEU B 433 13.22 6.50 33.76
N GLU B 434 12.31 5.85 34.50
CA GLU B 434 10.98 6.41 34.73
C GLU B 434 11.07 7.80 35.33
N GLN B 435 12.07 8.05 36.17
CA GLN B 435 12.31 9.38 36.72
C GLN B 435 12.61 10.40 35.64
N LYS B 436 13.43 10.03 34.65
CA LYS B 436 13.85 10.96 33.60
C LYS B 436 12.77 11.25 32.56
N LEU B 437 11.68 10.47 32.51
CA LEU B 437 10.77 10.54 31.37
C LEU B 437 10.13 11.91 31.17
N PRO B 438 9.60 12.60 32.18
CA PRO B 438 8.95 13.91 31.92
C PRO B 438 9.86 14.91 31.23
N SER B 439 11.13 15.00 31.63
CA SER B 439 12.02 15.97 31.00
C SER B 439 12.44 15.57 29.58
N LEU B 440 12.21 14.32 29.17
CA LEU B 440 12.58 13.92 27.82
C LEU B 440 11.62 14.48 26.78
N VAL B 441 10.37 14.77 27.18
CA VAL B 441 9.36 15.16 26.22
C VAL B 441 9.74 16.48 25.56
N GLY B 442 9.67 16.52 24.22
CA GLY B 442 9.97 17.70 23.46
C GLY B 442 11.42 17.86 23.05
N GLN B 443 12.36 17.22 23.73
CA GLN B 443 13.76 17.43 23.44
C GLN B 443 14.21 16.58 22.24
N THR B 444 15.28 17.03 21.60
CA THR B 444 15.85 16.32 20.46
C THR B 444 17.15 15.66 20.89
N LEU B 445 17.19 14.34 20.83
CA LEU B 445 18.36 13.55 21.21
C LEU B 445 18.98 12.99 19.95
N GLY B 446 20.11 13.54 19.55
CA GLY B 446 20.68 13.16 18.28
C GLY B 446 19.74 13.53 17.16
N ALA B 447 19.32 12.51 16.42
CA ALA B 447 18.46 12.65 15.25
C ALA B 447 16.97 12.55 15.57
N TYR B 448 16.62 12.25 16.82
CA TYR B 448 15.26 11.87 17.18
C TYR B 448 14.69 12.83 18.21
N THR B 449 13.44 13.23 18.01
CA THR B 449 12.74 14.18 18.86
C THR B 449 11.61 13.45 19.58
N VAL B 450 11.54 13.62 20.90
CA VAL B 450 10.64 12.82 21.73
C VAL B 450 9.23 13.41 21.69
N ALA B 451 8.27 12.61 21.24
CA ALA B 451 6.86 13.00 21.32
C ALA B 451 6.17 12.45 22.55
N THR B 452 6.59 11.27 23.02
CA THR B 452 5.97 10.62 24.15
C THR B 452 7.03 9.89 24.95
N ALA B 453 7.01 10.07 26.26
CA ALA B 453 7.86 9.32 27.17
C ALA B 453 6.99 8.97 28.38
N ASP B 454 6.58 7.71 28.49
CA ASP B 454 5.60 7.37 29.50
C ASP B 454 5.78 5.91 29.94
N ASN B 455 5.11 5.57 31.04
CA ASN B 455 4.96 4.19 31.49
C ASN B 455 3.64 3.68 30.96
N PHE B 456 3.68 2.64 30.12
CA PHE B 456 2.49 2.22 29.40
C PHE B 456 1.42 1.70 30.35
N SER B 457 0.22 2.24 30.22
CA SER B 457 -0.97 1.72 30.89
C SER B 457 -2.02 1.50 29.83
N TYR B 458 -2.91 0.54 30.08
CA TYR B 458 -3.95 0.19 29.14
C TYR B 458 -5.28 0.19 29.88
N SER B 459 -6.20 1.03 29.43
CA SER B 459 -7.58 0.99 29.91
C SER B 459 -8.40 0.17 28.91
N ASP B 460 -8.97 -0.92 29.39
CA ASP B 460 -9.72 -1.84 28.53
C ASP B 460 -11.00 -1.18 28.02
N PRO B 461 -11.18 -1.04 26.70
CA PRO B 461 -12.39 -0.38 26.17
C PRO B 461 -13.68 -1.14 26.43
N VAL B 462 -13.61 -2.34 27.02
CA VAL B 462 -14.78 -3.13 27.38
C VAL B 462 -14.86 -3.38 28.88
N ASP B 463 -13.77 -3.87 29.48
CA ASP B 463 -13.72 -4.11 30.92
C ASP B 463 -13.69 -2.81 31.70
N HIS B 464 -12.98 -1.81 31.19
CA HIS B 464 -12.52 -0.64 31.95
C HIS B 464 -11.59 -1.04 33.08
N SER B 465 -10.97 -2.22 32.97
CA SER B 465 -9.91 -2.62 33.87
C SER B 465 -8.59 -2.04 33.38
N VAL B 466 -7.83 -1.46 34.31
CA VAL B 466 -6.57 -0.81 33.99
C VAL B 466 -5.43 -1.77 34.30
N SER B 467 -4.50 -1.91 33.36
CA SER B 467 -3.20 -2.53 33.59
C SER B 467 -2.15 -1.43 33.62
N GLN B 468 -1.23 -1.50 34.58
CA GLN B 468 -0.23 -0.46 34.77
C GLN B 468 1.18 -1.03 34.67
N ASN B 469 2.15 -0.12 34.58
CA ASN B 469 3.58 -0.43 34.50
C ASN B 469 3.85 -1.59 33.54
N GLN B 470 3.43 -1.41 32.29
CA GLN B 470 3.60 -2.44 31.27
C GLN B 470 4.84 -2.22 30.42
N GLY B 471 5.65 -1.24 30.74
CA GLY B 471 6.86 -0.95 29.99
C GLY B 471 7.01 0.55 29.76
N ILE B 472 8.24 0.97 29.51
CA ILE B 472 8.56 2.37 29.25
C ILE B 472 8.67 2.56 27.74
N ARG B 473 8.05 3.62 27.25
CA ARG B 473 8.01 3.93 25.83
C ARG B 473 8.68 5.27 25.59
N LEU B 474 9.68 5.29 24.73
CA LEU B 474 10.14 6.51 24.10
C LEU B 474 9.63 6.45 22.66
N ILE B 475 8.73 7.37 22.31
CA ILE B 475 8.13 7.39 20.99
C ILE B 475 8.55 8.70 20.33
N PHE B 476 9.21 8.60 19.18
CA PHE B 476 9.74 9.77 18.50
C PHE B 476 8.82 10.20 17.35
N GLU B 477 9.02 11.44 16.90
CA GLU B 477 8.06 12.06 16.00
C GLU B 477 8.16 11.53 14.58
N ASP B 478 9.31 11.03 14.15
CA ASP B 478 9.36 10.45 12.81
C ASP B 478 8.69 9.09 12.73
N GLY B 479 8.25 8.52 13.86
CA GLY B 479 7.65 7.20 13.91
C GLY B 479 8.50 6.13 14.57
N SER B 480 9.74 6.43 14.93
CA SER B 480 10.63 5.47 15.58
C SER B 480 10.25 5.33 17.06
N ARG B 481 10.85 4.34 17.71
CA ARG B 481 10.40 3.97 19.04
C ARG B 481 11.48 3.16 19.75
N ILE B 482 11.56 3.35 21.07
CA ILE B 482 12.34 2.47 21.95
C ILE B 482 11.44 2.08 23.11
N VAL B 483 11.36 0.79 23.40
CA VAL B 483 10.55 0.29 24.49
C VAL B 483 11.41 -0.58 25.39
N TYR B 484 11.32 -0.37 26.70
CA TYR B 484 11.96 -1.20 27.71
C TYR B 484 10.91 -1.96 28.52
N ARG B 485 11.12 -3.26 28.70
CA ARG B 485 10.27 -4.06 29.58
C ARG B 485 11.14 -4.97 30.42
N LEU B 486 10.66 -5.32 31.61
CA LEU B 486 11.26 -6.36 32.43
C LEU B 486 10.39 -7.61 32.40
N SER B 487 11.04 -8.77 32.34
CA SER B 487 10.39 -10.06 32.29
C SER B 487 11.04 -10.99 33.31
N GLY B 488 10.29 -12.02 33.69
CA GLY B 488 10.81 -13.00 34.64
C GLY B 488 11.00 -12.49 36.04
N THR B 489 10.42 -11.33 36.38
CA THR B 489 10.46 -10.83 37.75
C THR B 489 9.72 -11.82 38.67
N GLY B 490 10.46 -12.38 39.63
CA GLY B 490 9.96 -13.50 40.40
C GLY B 490 11.02 -14.57 40.51
N THR B 491 11.73 -14.82 39.41
CA THR B 491 12.92 -15.64 39.43
C THR B 491 14.02 -14.95 40.24
N GLN B 492 15.07 -15.71 40.58
CA GLN B 492 16.29 -15.10 41.11
C GLN B 492 16.78 -13.98 40.22
N GLY B 493 16.60 -14.11 38.90
CA GLY B 493 16.99 -13.09 37.96
C GLY B 493 15.84 -12.53 37.12
N ALA B 494 16.07 -11.39 36.47
CA ALA B 494 15.11 -10.75 35.59
C ALA B 494 15.77 -10.49 34.24
N THR B 495 14.93 -10.41 33.20
CA THR B 495 15.39 -10.15 31.84
C THR B 495 14.96 -8.75 31.41
N LEU B 496 15.91 -7.93 30.99
CA LEU B 496 15.60 -6.63 30.41
C LEU B 496 15.48 -6.77 28.90
N ARG B 497 14.31 -6.40 28.36
CA ARG B 497 14.07 -6.42 26.93
C ARG B 497 14.00 -5.00 26.38
N VAL B 498 14.77 -4.75 25.32
CA VAL B 498 14.85 -3.44 24.68
C VAL B 498 14.37 -3.62 23.25
N TYR B 499 13.32 -2.90 22.88
CA TYR B 499 12.73 -3.01 21.56
C TYR B 499 13.12 -1.79 20.74
N LEU B 500 13.78 -2.02 19.60
CA LEU B 500 14.31 -0.94 18.78
C LEU B 500 13.48 -0.89 17.50
N GLU B 501 12.95 0.29 17.18
CA GLU B 501 12.11 0.45 15.99
C GLU B 501 12.49 1.72 15.27
N ARG B 502 13.00 1.60 14.04
CA ARG B 502 13.23 2.76 13.18
C ARG B 502 12.25 2.72 12.03
N PHE B 503 11.54 3.83 11.82
CA PHE B 503 10.62 3.95 10.68
C PHE B 503 11.34 4.61 9.51
N GLU B 504 11.35 3.93 8.37
CA GLU B 504 12.03 4.44 7.18
C GLU B 504 11.03 4.66 6.05
N PRO B 505 10.79 5.90 5.64
CA PRO B 505 9.82 6.15 4.56
C PRO B 505 10.45 6.11 3.17
N HIS B 506 11.76 6.28 3.08
CA HIS B 506 12.42 6.32 1.78
C HIS B 506 12.60 4.90 1.22
N PRO B 507 12.03 4.58 0.06
CA PRO B 507 12.18 3.23 -0.48
C PRO B 507 13.62 2.79 -0.72
N SER B 508 14.53 3.74 -0.99
CA SER B 508 15.92 3.38 -1.27
C SER B 508 16.66 2.95 -0.01
N GLN B 509 16.11 3.25 1.17
CA GLN B 509 16.71 2.91 2.46
C GLN B 509 16.02 1.72 3.11
N GLN B 510 15.26 0.93 2.36
CA GLN B 510 14.36 -0.05 2.93
C GLN B 510 14.86 -1.49 2.81
N HIS B 511 16.17 -1.69 2.60
CA HIS B 511 16.66 -3.06 2.53
C HIS B 511 18.03 -3.18 3.19
N LEU B 512 18.30 -2.39 4.22
CA LEU B 512 19.51 -2.51 5.01
C LEU B 512 19.43 -3.74 5.93
N ASP B 513 20.60 -4.14 6.45
CA ASP B 513 20.64 -5.01 7.62
C ASP B 513 20.07 -4.30 8.84
N ALA B 514 19.13 -4.98 9.50
CA ALA B 514 18.33 -4.38 10.55
C ALA B 514 19.20 -3.75 11.64
N GLN B 515 20.26 -4.44 12.06
CA GLN B 515 21.11 -3.89 13.11
C GLN B 515 21.90 -2.67 12.63
N VAL B 516 22.27 -2.62 11.34
CA VAL B 516 22.89 -1.42 10.80
C VAL B 516 21.90 -0.27 10.79
N ALA B 517 20.70 -0.54 10.27
CA ALA B 517 19.65 0.48 10.25
C ALA B 517 19.34 1.00 11.65
N LEU B 518 19.42 0.13 12.65
CA LEU B 518 19.04 0.48 14.01
C LEU B 518 20.20 0.99 14.85
N ALA B 519 21.40 1.11 14.28
CA ALA B 519 22.58 1.39 15.08
C ALA B 519 22.41 2.65 15.93
N ASP B 520 21.91 3.74 15.32
CA ASP B 520 21.76 5.00 16.05
C ASP B 520 20.77 4.86 17.21
N LEU B 521 19.61 4.26 16.96
CA LEU B 521 18.66 4.03 18.04
C LEU B 521 19.23 3.10 19.09
N ILE B 522 20.06 2.14 18.68
CA ILE B 522 20.67 1.24 19.66
C ILE B 522 21.54 2.03 20.62
N GLN B 523 22.37 2.93 20.11
CA GLN B 523 23.30 3.51 21.06
C GLN B 523 22.62 4.60 21.88
N LEU B 524 21.50 5.13 21.38
CA LEU B 524 20.69 6.03 22.20
C LEU B 524 19.95 5.27 23.28
N ALA B 525 19.37 4.12 22.94
CA ALA B 525 18.65 3.32 23.92
C ALA B 525 19.57 2.92 25.06
N ASN B 526 20.84 2.59 24.74
CA ASN B 526 21.80 2.18 25.76
C ASN B 526 22.30 3.37 26.58
N ASP B 527 22.45 4.54 25.97
CA ASP B 527 22.99 5.68 26.70
C ASP B 527 21.99 6.21 27.72
N VAL B 528 20.76 6.50 27.29
CA VAL B 528 19.80 7.18 28.16
C VAL B 528 19.37 6.28 29.30
N ALA B 529 19.27 4.97 29.05
CA ALA B 529 18.93 4.04 30.12
C ALA B 529 20.13 3.63 30.96
N ASN B 530 21.35 3.95 30.50
CA ASN B 530 22.60 3.54 31.12
C ASN B 530 22.62 2.02 31.35
N ILE B 531 22.44 1.27 30.26
CA ILE B 531 22.30 -0.18 30.37
C ILE B 531 23.61 -0.81 30.81
N GLN B 532 24.71 -0.51 30.11
CA GLN B 532 26.01 -1.08 30.49
C GLN B 532 26.43 -0.61 31.89
N SER B 533 26.23 0.67 32.18
CA SER B 533 26.68 1.24 33.44
C SER B 533 25.96 0.60 34.63
N LEU B 534 24.68 0.26 34.47
CA LEU B 534 23.85 -0.20 35.58
C LEU B 534 23.62 -1.71 35.60
N THR B 535 24.08 -2.44 34.59
CA THR B 535 23.97 -3.90 34.60
C THR B 535 25.29 -4.61 34.38
N GLY B 536 26.35 -3.92 33.97
CA GLY B 536 27.62 -4.56 33.70
C GLY B 536 27.66 -5.33 32.40
N ARG B 537 26.57 -5.39 31.64
CA ARG B 537 26.52 -6.12 30.39
C ARG B 537 27.07 -5.26 29.26
N ASP B 538 28.08 -5.78 28.56
CA ASP B 538 28.69 -5.10 27.42
C ASP B 538 27.90 -5.28 26.13
N ARG B 539 27.11 -6.35 26.02
CA ARG B 539 26.38 -6.70 24.82
C ARG B 539 25.15 -7.49 25.22
N PRO B 540 24.10 -7.48 24.40
CA PRO B 540 22.90 -8.25 24.76
C PRO B 540 23.18 -9.74 24.80
N THR B 541 22.33 -10.46 25.52
CA THR B 541 22.36 -11.92 25.50
C THR B 541 21.86 -12.46 24.17
N VAL B 542 20.67 -12.02 23.74
CA VAL B 542 20.07 -12.45 22.48
C VAL B 542 19.71 -11.22 21.68
N ILE B 543 19.88 -11.30 20.36
CA ILE B 543 19.51 -10.25 19.43
C ILE B 543 18.66 -10.87 18.34
N THR B 544 17.40 -10.44 18.23
CA THR B 544 16.51 -10.97 17.21
C THR B 544 16.63 -10.14 15.91
#